data_4J28
#
_entry.id   4J28
#
_cell.length_a   68.728
_cell.length_b   95.611
_cell.length_c   96.988
_cell.angle_alpha   90.000
_cell.angle_beta   91.210
_cell.angle_gamma   90.000
#
_symmetry.space_group_name_H-M   'P 1 21 1'
#
loop_
_entity.id
_entity.type
_entity.pdbx_description
1 polymer Alpha-L-fucosidase
2 non-polymer (2S,3S,4R,5S)-2-(1H-benzimidazol-2-yl)-5-methylpyrrolidine-3,4-diol
3 non-polymer IMIDAZOLE
4 non-polymer 'SULFATE ION'
5 non-polymer GLYCEROL
6 water water
#
_entity_poly.entity_id   1
_entity_poly.type   'polypeptide(L)'
_entity_poly.pdbx_seq_one_letter_code
;EIPLKYGATNEGKRQDPAMQKFRDNRLGAFIHWGLYAIPGGEWNGKVYGGAAEWLKSWAKVPADEWLKLMDQWNPTKFDA
KKWAKMAKEMGTKYVKITTKHHEGFCLWPSKYTKYTVANTPYKRDILGELVKAYNDEGIDVHFYFSVMDWSNPDYRYDIK
SKEDSIAFSRFLEFTDNQLKELATRYPTVKDFWFDGTWDASVKKNGWWTAHAEQMLKELVPGVAINSRLRADDKGKRHFD
SNGRLMGDYESGYERRLPDPVKDLKVTQWDWEACMTIPENQWGYHKDWSLSYVKTPIEVIDRIVHAVSMGGNMVVNFGPQ
ADGDFRPEEKAMATAIGKWMNRYGKAVYACDYAGFEKQDWGYYTRGKNDEVYMVVFNQPYSERLIVKTPKGITVEKATLL
TTGEDITVVETTRNEYNVSVPKKNPGEPYVIQLKVRAAKGTKSIYRDALT
;
_entity_poly.pdbx_strand_id   A,B
#
# COMPACT_ATOMS: atom_id res chain seq x y z
N GLU A 1 -11.57 -27.98 -34.53
CA GLU A 1 -12.81 -28.67 -34.04
C GLU A 1 -13.37 -27.96 -32.81
N ILE A 2 -14.63 -28.22 -32.51
CA ILE A 2 -15.44 -27.50 -31.49
C ILE A 2 -15.13 -25.97 -31.38
N PRO A 3 -15.91 -25.10 -32.10
CA PRO A 3 -15.57 -23.67 -32.04
C PRO A 3 -15.97 -23.07 -30.68
N LEU A 4 -15.16 -22.16 -30.14
CA LEU A 4 -15.42 -21.66 -28.76
C LEU A 4 -15.16 -20.17 -28.64
N LYS A 5 -16.05 -19.48 -27.93
CA LYS A 5 -15.87 -18.08 -27.59
C LYS A 5 -14.97 -17.95 -26.36
N TYR A 6 -15.03 -18.92 -25.43
CA TYR A 6 -14.40 -18.76 -24.12
C TYR A 6 -13.41 -19.86 -23.78
N GLY A 7 -12.70 -20.35 -24.80
CA GLY A 7 -11.71 -21.39 -24.63
C GLY A 7 -10.36 -20.74 -24.46
N ALA A 8 -9.31 -21.52 -24.70
CA ALA A 8 -7.94 -21.06 -24.43
C ALA A 8 -7.59 -19.83 -25.22
N THR A 9 -6.62 -19.07 -24.71
CA THR A 9 -6.16 -17.80 -25.27
C THR A 9 -4.68 -17.90 -25.64
N ASN A 10 -3.81 -18.22 -24.69
CA ASN A 10 -2.40 -18.57 -24.96
C ASN A 10 -2.30 -19.90 -25.78
N GLU A 11 -1.41 -19.94 -26.77
CA GLU A 11 -0.97 -21.21 -27.35
C GLU A 11 0.47 -21.36 -26.85
N GLY A 12 0.76 -22.39 -26.08
CA GLY A 12 2.13 -22.58 -25.60
C GLY A 12 2.40 -21.72 -24.37
N LYS A 13 3.60 -21.81 -23.85
CA LYS A 13 3.96 -21.11 -22.63
C LYS A 13 4.15 -19.62 -22.89
N ARG A 14 3.64 -18.77 -21.98
CA ARG A 14 4.00 -17.34 -21.98
C ARG A 14 5.48 -17.21 -21.72
N GLN A 15 6.15 -16.30 -22.44
CA GLN A 15 7.57 -16.06 -22.23
C GLN A 15 7.91 -14.58 -21.95
N ASP A 16 6.90 -13.79 -21.64
CA ASP A 16 7.12 -12.44 -21.20
C ASP A 16 7.83 -12.52 -19.84
N PRO A 17 8.51 -11.44 -19.43
CA PRO A 17 9.29 -11.46 -18.21
C PRO A 17 8.52 -11.80 -16.93
N ALA A 18 7.27 -11.35 -16.82
CA ALA A 18 6.49 -11.65 -15.63
C ALA A 18 6.26 -13.18 -15.52
N MET A 19 5.94 -13.86 -16.62
CA MET A 19 5.78 -15.33 -16.56
C MET A 19 7.10 -16.03 -16.29
N GLN A 20 8.20 -15.55 -16.88
CA GLN A 20 9.52 -16.06 -16.53
C GLN A 20 9.81 -15.98 -15.07
N LYS A 21 9.43 -14.86 -14.44
CA LYS A 21 9.65 -14.70 -13.01
C LYS A 21 8.80 -15.69 -12.17
N PHE A 22 7.53 -15.77 -12.48
CA PHE A 22 6.63 -16.75 -11.86
C PHE A 22 7.26 -18.16 -11.88
N ARG A 23 7.77 -18.55 -13.05
CA ARG A 23 8.35 -19.87 -13.29
C ARG A 23 9.67 -20.01 -12.53
N ASP A 24 10.56 -19.05 -12.71
CA ASP A 24 11.89 -19.14 -12.13
C ASP A 24 11.89 -19.15 -10.64
N ASN A 25 10.89 -18.47 -10.06
CA ASN A 25 10.72 -18.49 -8.61
C ASN A 25 10.75 -19.94 -8.04
N ARG A 26 10.03 -20.85 -8.67
CA ARG A 26 9.89 -22.26 -8.33
C ARG A 26 9.26 -22.64 -7.00
N LEU A 27 9.79 -22.11 -5.89
CA LEU A 27 9.38 -22.51 -4.57
C LEU A 27 8.59 -21.39 -3.90
N GLY A 28 7.36 -21.73 -3.52
CA GLY A 28 6.47 -20.85 -2.80
C GLY A 28 5.97 -21.44 -1.52
N ALA A 29 5.35 -20.59 -0.70
CA ALA A 29 4.59 -20.98 0.45
C ALA A 29 3.16 -20.53 0.28
N PHE A 30 2.24 -21.30 0.85
CA PHE A 30 0.84 -20.99 0.84
C PHE A 30 0.46 -20.63 2.28
N ILE A 31 -0.37 -19.61 2.47
CA ILE A 31 -0.92 -19.28 3.79
C ILE A 31 -2.45 -19.48 3.70
N HIS A 32 -2.99 -20.36 4.51
CA HIS A 32 -4.48 -20.51 4.74
C HIS A 32 -4.78 -19.98 6.10
N TRP A 33 -5.32 -18.78 6.16
CA TRP A 33 -5.64 -18.09 7.42
C TRP A 33 -6.99 -17.42 7.27
N GLY A 34 -7.86 -17.75 8.23
CA GLY A 34 -9.26 -17.29 8.18
C GLY A 34 -9.88 -17.64 9.49
N LEU A 35 -11.19 -17.48 9.58
CA LEU A 35 -11.85 -17.65 10.92
C LEU A 35 -11.77 -19.08 11.45
N TYR A 36 -11.70 -20.05 10.52
CA TYR A 36 -11.44 -21.45 10.84
C TYR A 36 -10.26 -21.66 11.78
N ALA A 37 -9.28 -20.74 11.81
CA ALA A 37 -8.13 -20.93 12.72
C ALA A 37 -8.53 -20.87 14.17
N ILE A 38 -9.60 -20.14 14.46
CA ILE A 38 -10.07 -20.00 15.84
C ILE A 38 -10.55 -21.35 16.45
N PRO A 39 -11.58 -21.98 15.89
CA PRO A 39 -11.98 -23.32 16.43
C PRO A 39 -10.91 -24.44 16.16
N GLY A 40 -10.11 -24.25 15.13
CA GLY A 40 -9.04 -25.22 14.86
C GLY A 40 -9.49 -26.67 14.73
N GLY A 41 -10.59 -26.88 14.04
CA GLY A 41 -11.10 -28.21 13.79
C GLY A 41 -12.09 -28.74 14.84
N GLU A 42 -12.31 -27.99 15.90
CA GLU A 42 -13.19 -28.41 16.98
C GLU A 42 -14.38 -27.50 17.11
N TRP A 43 -15.57 -28.11 17.25
CA TRP A 43 -16.80 -27.36 17.47
C TRP A 43 -17.65 -28.01 18.55
N ASN A 44 -17.88 -27.28 19.65
CA ASN A 44 -18.73 -27.73 20.75
C ASN A 44 -18.30 -29.11 21.27
N GLY A 45 -17.01 -29.27 21.48
CA GLY A 45 -16.45 -30.45 22.11
C GLY A 45 -16.21 -31.64 21.17
N LYS A 46 -16.50 -31.50 19.89
CA LYS A 46 -16.18 -32.52 18.94
C LYS A 46 -15.07 -32.06 17.99
N VAL A 47 -14.03 -32.86 17.88
CA VAL A 47 -12.91 -32.59 16.98
C VAL A 47 -13.19 -33.32 15.69
N TYR A 48 -13.37 -32.60 14.62
CA TYR A 48 -13.66 -33.22 13.35
C TYR A 48 -12.39 -33.53 12.56
N GLY A 49 -12.33 -34.72 11.94
CA GLY A 49 -11.15 -35.20 11.25
C GLY A 49 -10.97 -34.55 9.89
N GLY A 50 -12.06 -34.04 9.33
CA GLY A 50 -11.98 -33.38 8.02
C GLY A 50 -11.17 -32.07 8.04
N ALA A 51 -10.94 -31.47 6.86
CA ALA A 51 -10.09 -30.30 6.72
C ALA A 51 -10.64 -29.16 7.56
N ALA A 52 -9.82 -28.61 8.45
CA ALA A 52 -10.26 -27.55 9.40
C ALA A 52 -10.96 -26.36 8.79
N GLU A 53 -10.52 -25.98 7.60
CA GLU A 53 -11.09 -24.83 6.94
C GLU A 53 -12.51 -25.08 6.42
N TRP A 54 -12.93 -26.36 6.43
CA TRP A 54 -14.29 -26.81 6.10
C TRP A 54 -15.14 -27.14 7.33
N LEU A 55 -14.71 -26.75 8.52
CA LEU A 55 -15.45 -27.06 9.72
C LEU A 55 -16.90 -26.50 9.74
N LYS A 56 -17.14 -25.37 9.07
CA LYS A 56 -18.52 -24.83 8.97
C LYS A 56 -19.47 -25.93 8.40
N SER A 57 -18.98 -26.62 7.37
CA SER A 57 -19.69 -27.70 6.76
C SER A 57 -19.75 -28.93 7.65
N TRP A 58 -18.62 -29.42 8.18
CA TRP A 58 -18.65 -30.63 9.03
C TRP A 58 -19.56 -30.48 10.26
N ALA A 59 -19.50 -29.34 10.95
CA ALA A 59 -20.34 -29.14 12.15
C ALA A 59 -21.71 -28.48 11.83
N LYS A 60 -22.03 -28.31 10.55
CA LYS A 60 -23.29 -27.72 10.10
C LYS A 60 -23.65 -26.40 10.78
N VAL A 61 -22.70 -25.49 10.75
CA VAL A 61 -22.85 -24.20 11.44
C VAL A 61 -23.50 -23.21 10.46
N PRO A 62 -24.64 -22.61 10.84
CA PRO A 62 -25.21 -21.54 10.04
C PRO A 62 -24.22 -20.38 9.85
N ALA A 63 -24.31 -19.73 8.70
CA ALA A 63 -23.43 -18.58 8.34
C ALA A 63 -23.31 -17.51 9.41
N ASP A 64 -24.46 -17.08 9.96
CA ASP A 64 -24.44 -15.98 10.88
C ASP A 64 -23.69 -16.38 12.12
N GLU A 65 -23.86 -17.63 12.54
CA GLU A 65 -23.16 -18.14 13.74
C GLU A 65 -21.67 -18.37 13.46
N TRP A 66 -21.36 -18.91 12.30
CA TRP A 66 -19.93 -19.08 11.89
C TRP A 66 -19.17 -17.73 11.83
N LEU A 67 -19.79 -16.75 11.20
CA LEU A 67 -19.21 -15.43 11.03
C LEU A 67 -19.06 -14.61 12.31
N LYS A 68 -19.81 -14.98 13.35
CA LYS A 68 -19.62 -14.41 14.68
C LYS A 68 -18.27 -14.73 15.26
N LEU A 69 -17.57 -15.69 14.67
CA LEU A 69 -16.15 -15.90 15.04
C LEU A 69 -15.29 -14.65 14.87
N MET A 70 -15.71 -13.75 13.98
CA MET A 70 -15.11 -12.43 13.85
C MET A 70 -14.90 -11.71 15.18
N ASP A 71 -15.82 -11.86 16.13
CA ASP A 71 -15.69 -11.23 17.48
C ASP A 71 -14.52 -11.75 18.26
N GLN A 72 -13.97 -12.89 17.83
CA GLN A 72 -12.79 -13.51 18.46
C GLN A 72 -11.51 -13.32 17.63
N TRP A 73 -11.61 -12.63 16.51
CA TRP A 73 -10.45 -12.41 15.70
C TRP A 73 -9.55 -11.32 16.27
N ASN A 74 -8.48 -11.75 16.93
CA ASN A 74 -7.56 -10.85 17.57
C ASN A 74 -6.17 -11.43 17.70
N PRO A 75 -5.48 -11.60 16.57
CA PRO A 75 -4.17 -12.27 16.52
C PRO A 75 -3.03 -11.37 17.02
N THR A 76 -2.93 -11.24 18.33
CA THR A 76 -2.04 -10.25 18.95
C THR A 76 -0.58 -10.57 18.66
N LYS A 77 -0.25 -11.83 18.31
CA LYS A 77 1.16 -12.16 17.96
C LYS A 77 1.53 -11.96 16.48
N PHE A 78 0.55 -11.57 15.68
CA PHE A 78 0.81 -11.26 14.28
C PHE A 78 1.85 -10.19 14.11
N ASP A 79 2.80 -10.45 13.22
CA ASP A 79 3.82 -9.49 12.87
C ASP A 79 4.23 -9.81 11.45
N ALA A 80 3.77 -8.98 10.52
CA ALA A 80 4.04 -9.26 9.13
C ALA A 80 5.54 -9.34 8.77
N LYS A 81 6.37 -8.54 9.42
CA LYS A 81 7.79 -8.59 9.15
C LYS A 81 8.37 -9.93 9.59
N LYS A 82 7.86 -10.47 10.71
CA LYS A 82 8.29 -11.78 11.15
C LYS A 82 7.88 -12.89 10.20
N TRP A 83 6.66 -12.82 9.68
CA TRP A 83 6.18 -13.77 8.66
C TRP A 83 7.07 -13.72 7.44
N ALA A 84 7.43 -12.52 7.01
CA ALA A 84 8.24 -12.35 5.80
C ALA A 84 9.65 -12.84 6.03
N LYS A 85 10.15 -12.65 7.25
CA LYS A 85 11.45 -13.16 7.58
C LYS A 85 11.46 -14.73 7.55
N MET A 86 10.42 -15.35 8.10
CA MET A 86 10.26 -16.83 8.07
C MET A 86 10.24 -17.33 6.63
N ALA A 87 9.46 -16.67 5.78
CA ALA A 87 9.41 -17.02 4.38
C ALA A 87 10.79 -16.86 3.69
N LYS A 88 11.46 -15.76 3.97
CA LYS A 88 12.79 -15.51 3.35
C LYS A 88 13.78 -16.59 3.77
N GLU A 89 13.81 -16.90 5.06
CA GLU A 89 14.73 -17.89 5.57
C GLU A 89 14.43 -19.32 5.10
N MET A 90 13.15 -19.62 4.84
CA MET A 90 12.78 -20.90 4.23
C MET A 90 13.30 -21.04 2.79
N GLY A 91 13.59 -19.90 2.16
CA GLY A 91 13.97 -19.91 0.78
C GLY A 91 12.84 -19.78 -0.21
N THR A 92 11.64 -19.40 0.26
CA THR A 92 10.54 -19.15 -0.67
C THR A 92 10.78 -17.87 -1.50
N LYS A 93 10.34 -17.88 -2.77
CA LYS A 93 10.48 -16.75 -3.65
C LYS A 93 9.12 -16.06 -3.88
N TYR A 94 8.05 -16.69 -3.43
CA TYR A 94 6.73 -16.12 -3.40
C TYR A 94 5.82 -16.78 -2.34
N VAL A 95 4.77 -16.04 -1.95
CA VAL A 95 3.76 -16.52 -1.04
C VAL A 95 2.35 -16.31 -1.64
N LYS A 96 1.53 -17.37 -1.60
CA LYS A 96 0.15 -17.34 -1.99
C LYS A 96 -0.66 -17.24 -0.73
N ILE A 97 -1.58 -16.28 -0.70
CA ILE A 97 -2.32 -15.93 0.51
C ILE A 97 -3.84 -16.03 0.29
N THR A 98 -4.53 -16.73 1.17
CA THR A 98 -6.03 -16.79 1.15
C THR A 98 -6.59 -15.39 1.46
N THR A 99 -7.01 -14.68 0.43
CA THR A 99 -7.65 -13.39 0.60
C THR A 99 -9.04 -13.56 1.19
N LYS A 100 -9.70 -14.63 0.75
CA LYS A 100 -11.04 -14.99 1.18
C LYS A 100 -11.19 -16.49 0.85
N HIS A 101 -11.52 -17.28 1.82
CA HIS A 101 -11.81 -18.71 1.61
C HIS A 101 -13.35 -18.91 1.45
N HIS A 102 -13.81 -20.17 1.43
CA HIS A 102 -15.23 -20.46 1.16
C HIS A 102 -16.11 -19.76 2.18
N GLU A 103 -15.66 -19.71 3.43
CA GLU A 103 -16.40 -19.03 4.47
C GLU A 103 -16.75 -17.57 4.18
N GLY A 104 -15.96 -16.89 3.33
CA GLY A 104 -16.25 -15.56 2.89
C GLY A 104 -15.72 -14.40 3.71
N PHE A 105 -15.08 -14.68 4.85
CA PHE A 105 -14.35 -13.68 5.60
C PHE A 105 -13.12 -13.20 4.81
N CYS A 106 -13.01 -11.88 4.68
CA CYS A 106 -11.98 -11.24 3.89
C CYS A 106 -10.82 -10.81 4.78
N LEU A 107 -9.60 -11.12 4.35
CA LEU A 107 -8.41 -10.67 5.07
C LEU A 107 -8.00 -9.21 4.74
N TRP A 108 -8.76 -8.55 3.87
CA TRP A 108 -8.60 -7.13 3.53
C TRP A 108 -9.96 -6.46 3.81
N PRO A 109 -9.93 -5.12 4.07
CA PRO A 109 -11.13 -4.40 4.49
C PRO A 109 -12.03 -4.08 3.30
N SER A 110 -12.67 -5.11 2.77
CA SER A 110 -13.49 -4.94 1.56
C SER A 110 -14.63 -3.96 1.85
N LYS A 111 -14.94 -3.13 0.87
CA LYS A 111 -16.12 -2.24 0.99
C LYS A 111 -17.39 -2.93 0.50
N TYR A 112 -17.32 -4.18 0.05
CA TYR A 112 -18.47 -4.86 -0.51
C TYR A 112 -19.12 -5.91 0.38
N THR A 113 -18.61 -6.05 1.61
CA THR A 113 -19.22 -6.93 2.58
C THR A 113 -18.78 -6.48 3.93
N LYS A 114 -19.58 -6.79 4.93
CA LYS A 114 -19.16 -6.53 6.31
C LYS A 114 -18.29 -7.62 6.94
N TYR A 115 -18.11 -8.74 6.27
CA TYR A 115 -17.39 -9.89 6.85
C TYR A 115 -15.88 -9.79 6.54
N THR A 116 -15.24 -8.85 7.21
CA THR A 116 -13.89 -8.49 6.97
C THR A 116 -13.13 -8.24 8.25
N VAL A 117 -11.80 -8.28 8.11
CA VAL A 117 -10.89 -7.93 9.19
C VAL A 117 -11.15 -6.57 9.84
N ALA A 118 -11.70 -5.64 9.08
CA ALA A 118 -12.00 -4.32 9.62
C ALA A 118 -13.01 -4.41 10.76
N ASN A 119 -13.94 -5.37 10.70
CA ASN A 119 -15.00 -5.50 11.73
C ASN A 119 -14.70 -6.59 12.77
N THR A 120 -13.45 -6.62 13.22
CA THR A 120 -12.99 -7.55 14.25
C THR A 120 -12.31 -6.68 15.26
N PRO A 121 -12.01 -7.21 16.45
CA PRO A 121 -11.27 -6.44 17.40
C PRO A 121 -9.89 -6.01 16.91
N TYR A 122 -9.28 -6.76 16.00
CA TYR A 122 -7.92 -6.48 15.57
C TYR A 122 -7.89 -5.33 14.59
N LYS A 123 -8.93 -5.23 13.77
CA LYS A 123 -9.20 -4.10 12.84
C LYS A 123 -8.33 -4.04 11.63
N ARG A 124 -7.07 -4.39 11.78
CA ARG A 124 -6.04 -4.11 10.76
C ARG A 124 -6.15 -4.94 9.48
N ASP A 125 -5.66 -4.34 8.39
CA ASP A 125 -5.64 -4.89 7.08
C ASP A 125 -4.48 -5.92 6.97
N ILE A 126 -4.77 -7.15 7.36
CA ILE A 126 -3.78 -8.20 7.35
C ILE A 126 -3.16 -8.40 5.99
N LEU A 127 -3.99 -8.44 4.96
CA LEU A 127 -3.50 -8.66 3.61
C LEU A 127 -2.53 -7.56 3.18
N GLY A 128 -2.89 -6.31 3.46
CA GLY A 128 -2.00 -5.15 3.14
C GLY A 128 -0.65 -5.17 3.83
N GLU A 129 -0.67 -5.56 5.10
CA GLU A 129 0.55 -5.68 5.88
C GLU A 129 1.46 -6.76 5.33
N LEU A 130 0.91 -7.91 5.01
CA LEU A 130 1.65 -9.00 4.41
C LEU A 130 2.24 -8.61 3.04
N VAL A 131 1.44 -7.98 2.21
CA VAL A 131 1.90 -7.58 0.90
C VAL A 131 3.16 -6.70 1.03
N LYS A 132 3.08 -5.69 1.85
CA LYS A 132 4.22 -4.78 2.11
C LYS A 132 5.42 -5.53 2.66
N ALA A 133 5.22 -6.37 3.69
CA ALA A 133 6.31 -7.06 4.35
C ALA A 133 7.03 -8.09 3.45
N TYR A 134 6.26 -8.86 2.70
CA TYR A 134 6.85 -9.84 1.78
C TYR A 134 7.56 -9.12 0.63
N ASN A 135 6.88 -8.15 0.03
CA ASN A 135 7.52 -7.35 -1.02
C ASN A 135 8.85 -6.70 -0.50
N ASP A 136 8.89 -6.23 0.73
CA ASP A 136 10.10 -5.61 1.26
C ASP A 136 11.27 -6.60 1.35
N GLU A 137 10.95 -7.89 1.47
CA GLU A 137 11.97 -8.93 1.45
C GLU A 137 12.26 -9.46 0.05
N GLY A 138 11.67 -8.88 -0.96
CA GLY A 138 11.90 -9.32 -2.32
C GLY A 138 11.06 -10.58 -2.69
N ILE A 139 9.97 -10.80 -1.99
CA ILE A 139 9.10 -11.95 -2.18
C ILE A 139 7.82 -11.55 -2.92
N ASP A 140 7.54 -12.22 -4.02
CA ASP A 140 6.33 -11.95 -4.76
C ASP A 140 5.08 -12.45 -3.98
N VAL A 141 3.93 -11.82 -4.18
CA VAL A 141 2.70 -12.22 -3.51
C VAL A 141 1.63 -12.54 -4.51
N HIS A 142 0.98 -13.67 -4.27
CA HIS A 142 -0.09 -14.20 -5.10
C HIS A 142 -1.31 -14.31 -4.26
N PHE A 143 -2.47 -14.12 -4.87
CA PHE A 143 -3.74 -14.10 -4.13
C PHE A 143 -4.62 -15.31 -4.44
N TYR A 144 -4.88 -16.12 -3.43
CA TYR A 144 -5.90 -17.16 -3.50
C TYR A 144 -7.25 -16.45 -3.34
N PHE A 145 -8.23 -16.86 -4.15
CA PHE A 145 -9.57 -16.30 -4.03
C PHE A 145 -10.62 -17.37 -4.30
N SER A 146 -11.50 -17.60 -3.34
CA SER A 146 -12.62 -18.54 -3.49
C SER A 146 -13.87 -17.87 -4.10
N VAL A 147 -14.27 -18.29 -5.30
CA VAL A 147 -15.48 -17.81 -5.92
C VAL A 147 -16.68 -18.23 -5.07
N MET A 148 -16.85 -19.54 -4.85
CA MET A 148 -17.83 -20.02 -3.86
C MET A 148 -17.69 -19.25 -2.55
N ASP A 149 -18.80 -18.78 -2.02
CA ASP A 149 -18.83 -17.91 -0.85
C ASP A 149 -20.05 -18.22 -0.02
N TRP A 150 -19.81 -18.82 1.14
CA TRP A 150 -20.85 -19.25 2.04
C TRP A 150 -21.47 -18.12 2.86
N SER A 151 -20.94 -16.90 2.73
CA SER A 151 -21.46 -15.77 3.52
C SER A 151 -22.44 -14.92 2.73
N ASN A 152 -22.48 -15.11 1.43
CA ASN A 152 -23.31 -14.32 0.51
C ASN A 152 -24.55 -15.16 0.02
N PRO A 153 -25.74 -14.78 0.48
CA PRO A 153 -26.92 -15.57 0.12
C PRO A 153 -27.30 -15.50 -1.38
N ASP A 154 -26.68 -14.63 -2.17
CA ASP A 154 -26.83 -14.69 -3.63
C ASP A 154 -26.04 -15.79 -4.31
N TYR A 155 -25.12 -16.44 -3.61
CA TYR A 155 -24.39 -17.54 -4.23
C TYR A 155 -25.40 -18.63 -4.58
N ARG A 156 -25.18 -19.31 -5.69
CA ARG A 156 -25.97 -20.49 -6.05
C ARG A 156 -25.04 -21.61 -6.52
N TYR A 157 -25.35 -22.82 -6.09
CA TYR A 157 -24.64 -24.02 -6.53
C TYR A 157 -25.06 -24.46 -7.92
N ASP A 158 -26.33 -24.17 -8.26
CA ASP A 158 -26.85 -24.42 -9.61
C ASP A 158 -27.94 -23.39 -9.93
N ILE A 159 -28.21 -23.21 -11.20
CA ILE A 159 -29.24 -22.29 -11.67
C ILE A 159 -30.48 -23.11 -12.13
N LYS A 160 -31.50 -23.16 -11.29
CA LYS A 160 -32.68 -24.00 -11.56
C LYS A 160 -33.94 -23.15 -11.74
N SER A 161 -33.80 -21.82 -11.73
CA SER A 161 -34.93 -20.90 -11.89
C SER A 161 -34.50 -19.52 -12.41
N LYS A 162 -35.47 -18.65 -12.67
CA LYS A 162 -35.21 -17.25 -13.05
C LYS A 162 -34.66 -16.54 -11.83
N GLU A 163 -35.22 -16.85 -10.65
CA GLU A 163 -34.81 -16.21 -9.41
C GLU A 163 -33.34 -16.53 -9.11
N ASP A 164 -32.90 -17.75 -9.45
CA ASP A 164 -31.51 -18.15 -9.27
C ASP A 164 -30.61 -17.41 -10.21
N SER A 165 -31.05 -17.25 -11.44
CA SER A 165 -30.21 -16.62 -12.45
CA SER A 165 -30.21 -16.63 -12.44
C SER A 165 -29.98 -15.16 -12.09
N ILE A 166 -30.99 -14.52 -11.50
CA ILE A 166 -30.88 -13.12 -11.12
C ILE A 166 -29.96 -12.95 -9.88
N ALA A 167 -30.15 -13.80 -8.90
CA ALA A 167 -29.34 -13.77 -7.69
C ALA A 167 -27.87 -14.02 -8.00
N PHE A 168 -27.61 -15.00 -8.85
CA PHE A 168 -26.28 -15.34 -9.26
C PHE A 168 -25.60 -14.23 -10.09
N SER A 169 -26.35 -13.53 -10.93
CA SER A 169 -25.80 -12.39 -11.67
CA SER A 169 -25.81 -12.39 -11.68
C SER A 169 -25.29 -11.33 -10.71
N ARG A 170 -26.04 -11.09 -9.63
CA ARG A 170 -25.67 -10.16 -8.62
C ARG A 170 -24.38 -10.64 -7.94
N PHE A 171 -24.34 -11.95 -7.68
CA PHE A 171 -23.18 -12.57 -7.06
C PHE A 171 -21.92 -12.38 -7.88
N LEU A 172 -22.03 -12.59 -9.19
CA LEU A 172 -20.94 -12.39 -10.11
C LEU A 172 -20.44 -10.93 -10.12
N GLU A 173 -21.35 -9.98 -10.00
CA GLU A 173 -20.99 -8.57 -9.95
C GLU A 173 -20.26 -8.22 -8.61
N PHE A 174 -20.81 -8.72 -7.51
CA PHE A 174 -20.17 -8.68 -6.22
C PHE A 174 -18.72 -9.25 -6.27
N THR A 175 -18.59 -10.39 -6.92
CA THR A 175 -17.30 -11.05 -7.11
C THR A 175 -16.35 -10.14 -7.89
N ASP A 176 -16.82 -9.60 -9.00
CA ASP A 176 -16.03 -8.68 -9.81
C ASP A 176 -15.59 -7.49 -8.97
N ASN A 177 -16.49 -6.98 -8.14
CA ASN A 177 -16.17 -5.82 -7.32
C ASN A 177 -15.00 -6.11 -6.36
N GLN A 178 -15.06 -7.25 -5.68
CA GLN A 178 -13.97 -7.68 -4.80
C GLN A 178 -12.69 -7.90 -5.57
N LEU A 179 -12.76 -8.52 -6.75
CA LEU A 179 -11.57 -8.81 -7.49
C LEU A 179 -10.85 -7.48 -7.93
N LYS A 180 -11.63 -6.52 -8.43
CA LYS A 180 -11.15 -5.21 -8.81
C LYS A 180 -10.53 -4.47 -7.63
N GLU A 181 -11.15 -4.63 -6.48
CA GLU A 181 -10.65 -4.03 -5.28
C GLU A 181 -9.25 -4.60 -4.94
N LEU A 182 -9.11 -5.92 -5.02
CA LEU A 182 -7.85 -6.61 -4.70
C LEU A 182 -6.81 -6.12 -5.68
N ALA A 183 -7.19 -6.05 -6.95
CA ALA A 183 -6.22 -5.72 -7.98
C ALA A 183 -5.69 -4.26 -7.92
N THR A 184 -6.54 -3.38 -7.40
CA THR A 184 -6.24 -1.93 -7.34
C THR A 184 -5.67 -1.55 -5.97
N ARG A 185 -6.17 -2.17 -4.91
CA ARG A 185 -5.57 -1.95 -3.59
C ARG A 185 -4.19 -2.54 -3.44
N TYR A 186 -3.88 -3.62 -4.15
CA TYR A 186 -2.59 -4.30 -3.98
C TYR A 186 -1.97 -4.49 -5.33
N PRO A 187 -1.52 -3.38 -5.92
CA PRO A 187 -1.15 -3.47 -7.34
C PRO A 187 0.15 -4.23 -7.62
N THR A 188 0.94 -4.59 -6.61
CA THR A 188 2.09 -5.46 -6.79
C THR A 188 1.74 -6.99 -6.87
N VAL A 189 0.46 -7.35 -6.80
CA VAL A 189 0.02 -8.77 -6.87
C VAL A 189 0.48 -9.38 -8.18
N LYS A 190 1.05 -10.58 -8.15
CA LYS A 190 1.54 -11.22 -9.37
C LYS A 190 0.69 -12.34 -9.95
N ASP A 191 -0.35 -12.76 -9.24
CA ASP A 191 -1.12 -13.95 -9.58
C ASP A 191 -2.43 -13.98 -8.79
N PHE A 192 -3.48 -14.49 -9.44
CA PHE A 192 -4.70 -14.83 -8.81
C PHE A 192 -4.92 -16.32 -9.03
N TRP A 193 -5.12 -17.01 -7.92
CA TRP A 193 -5.28 -18.46 -7.85
C TRP A 193 -6.71 -18.71 -7.35
N PHE A 194 -7.61 -18.99 -8.30
CA PHE A 194 -9.00 -19.21 -7.97
C PHE A 194 -9.31 -20.60 -7.50
N ASP A 195 -10.24 -20.66 -6.58
CA ASP A 195 -10.78 -21.88 -6.03
C ASP A 195 -12.29 -21.79 -6.00
N GLY A 196 -12.97 -22.93 -5.77
CA GLY A 196 -14.41 -22.92 -5.58
C GLY A 196 -15.17 -22.47 -6.82
N THR A 197 -14.72 -22.97 -7.96
CA THR A 197 -15.29 -22.67 -9.25
C THR A 197 -15.89 -23.94 -9.92
N TRP A 198 -16.06 -25.01 -9.14
CA TRP A 198 -16.49 -26.34 -9.69
C TRP A 198 -18.03 -26.52 -9.78
N ASP A 199 -18.80 -25.65 -9.16
CA ASP A 199 -20.26 -25.83 -9.13
C ASP A 199 -20.87 -25.60 -10.51
N ALA A 200 -22.05 -26.21 -10.71
CA ALA A 200 -22.75 -26.16 -12.01
C ALA A 200 -23.02 -24.72 -12.42
N SER A 201 -23.33 -23.89 -11.42
CA SER A 201 -23.57 -22.43 -11.62
C SER A 201 -22.42 -21.75 -12.35
N VAL A 202 -21.19 -22.09 -11.97
CA VAL A 202 -20.03 -21.54 -12.63
C VAL A 202 -19.75 -22.19 -13.99
N LYS A 203 -19.96 -23.50 -14.08
CA LYS A 203 -19.71 -24.26 -15.31
C LYS A 203 -20.65 -23.79 -16.43
N LYS A 204 -21.85 -23.41 -16.04
CA LYS A 204 -22.81 -22.80 -17.00
C LYS A 204 -22.49 -21.35 -17.35
N ASN A 205 -21.51 -20.74 -16.69
CA ASN A 205 -21.18 -19.35 -16.93
C ASN A 205 -19.69 -19.23 -17.24
N GLY A 206 -19.25 -20.08 -18.15
CA GLY A 206 -17.89 -20.03 -18.65
C GLY A 206 -17.45 -18.63 -19.07
N TRP A 207 -18.38 -17.90 -19.67
CA TRP A 207 -18.14 -16.55 -20.19
C TRP A 207 -17.57 -15.67 -19.06
N TRP A 208 -18.07 -15.89 -17.84
CA TRP A 208 -17.70 -15.06 -16.72
C TRP A 208 -16.22 -15.34 -16.37
N THR A 209 -15.84 -16.61 -16.46
CA THR A 209 -14.47 -17.03 -16.10
C THR A 209 -13.49 -16.41 -17.04
N ALA A 210 -13.82 -16.40 -18.33
CA ALA A 210 -12.97 -15.73 -19.31
C ALA A 210 -12.90 -14.23 -19.06
N HIS A 211 -14.04 -13.64 -18.76
CA HIS A 211 -14.13 -12.20 -18.44
C HIS A 211 -13.28 -11.83 -17.20
N ALA A 212 -13.39 -12.64 -16.14
CA ALA A 212 -12.57 -12.44 -14.93
C ALA A 212 -11.07 -12.43 -15.25
N GLU A 213 -10.63 -13.36 -16.08
CA GLU A 213 -9.21 -13.41 -16.50
C GLU A 213 -8.82 -12.16 -17.26
N GLN A 214 -9.64 -11.76 -18.24
CA GLN A 214 -9.31 -10.59 -19.06
C GLN A 214 -9.29 -9.31 -18.20
N MET A 215 -10.29 -9.18 -17.32
CA MET A 215 -10.47 -8.01 -16.48
C MET A 215 -9.23 -7.82 -15.64
N LEU A 216 -8.77 -8.92 -15.04
CA LEU A 216 -7.59 -8.84 -14.15
C LEU A 216 -6.32 -8.57 -14.94
N LYS A 217 -6.19 -9.19 -16.11
CA LYS A 217 -5.02 -8.90 -16.97
C LYS A 217 -4.98 -7.43 -17.45
N GLU A 218 -6.14 -6.81 -17.64
CA GLU A 218 -6.15 -5.36 -17.94
C GLU A 218 -5.75 -4.49 -16.73
N LEU A 219 -6.14 -4.91 -15.52
CA LEU A 219 -5.79 -4.14 -14.30
C LEU A 219 -4.39 -4.33 -13.80
N VAL A 220 -3.82 -5.54 -13.98
CA VAL A 220 -2.51 -5.86 -13.43
C VAL A 220 -1.64 -6.41 -14.54
N PRO A 221 -0.71 -5.56 -15.05
CA PRO A 221 0.08 -5.97 -16.20
C PRO A 221 0.93 -7.21 -15.90
N GLY A 222 0.83 -8.22 -16.76
CA GLY A 222 1.68 -9.41 -16.59
C GLY A 222 1.15 -10.41 -15.55
N VAL A 223 0.00 -10.12 -14.94
CA VAL A 223 -0.55 -11.01 -13.89
C VAL A 223 -0.72 -12.43 -14.48
N ALA A 224 -0.51 -13.44 -13.65
CA ALA A 224 -0.84 -14.82 -13.97
C ALA A 224 -2.18 -15.21 -13.36
N ILE A 225 -2.89 -16.10 -14.07
CA ILE A 225 -4.19 -16.57 -13.67
C ILE A 225 -4.19 -18.10 -13.79
N ASN A 226 -4.66 -18.79 -12.75
CA ASN A 226 -4.60 -20.26 -12.78
C ASN A 226 -5.73 -20.92 -13.61
N SER A 227 -5.50 -22.17 -13.98
CA SER A 227 -6.47 -22.92 -14.82
C SER A 227 -7.74 -23.20 -14.11
N ARG A 228 -7.69 -23.34 -12.80
CA ARG A 228 -8.87 -23.72 -12.05
C ARG A 228 -10.02 -22.73 -12.19
N LEU A 229 -9.69 -21.47 -12.46
CA LEU A 229 -10.73 -20.46 -12.70
C LEU A 229 -11.63 -20.88 -13.84
N ARG A 230 -11.02 -21.45 -14.88
CA ARG A 230 -11.58 -21.33 -16.22
C ARG A 230 -12.46 -22.52 -16.61
N ALA A 231 -13.64 -22.16 -17.14
CA ALA A 231 -14.58 -23.07 -17.81
C ALA A 231 -14.94 -22.49 -19.18
N ASP A 232 -15.02 -23.36 -20.18
CA ASP A 232 -15.30 -22.89 -21.54
C ASP A 232 -16.83 -22.84 -21.84
N ASP A 233 -17.19 -22.56 -23.09
CA ASP A 233 -18.61 -22.49 -23.54
C ASP A 233 -19.39 -23.74 -23.14
N LYS A 234 -18.71 -24.89 -23.12
CA LYS A 234 -19.37 -26.18 -22.80
C LYS A 234 -19.29 -26.56 -21.33
N GLY A 235 -18.67 -25.74 -20.50
CA GLY A 235 -18.53 -26.10 -19.07
C GLY A 235 -17.35 -27.05 -18.80
N LYS A 236 -16.49 -27.31 -19.80
CA LYS A 236 -15.24 -28.08 -19.56
C LYS A 236 -14.23 -27.17 -18.82
N ARG A 237 -13.62 -27.69 -17.75
CA ARG A 237 -12.78 -26.91 -16.86
C ARG A 237 -11.28 -27.21 -17.04
N HIS A 238 -10.44 -26.21 -16.71
CA HIS A 238 -8.98 -26.27 -16.81
C HIS A 238 -8.46 -26.30 -18.24
N PHE A 239 -8.84 -27.35 -18.98
CA PHE A 239 -8.49 -27.50 -20.40
C PHE A 239 -9.83 -27.38 -21.12
N ASP A 240 -9.85 -26.66 -22.23
CA ASP A 240 -11.11 -26.45 -22.96
C ASP A 240 -11.54 -27.72 -23.76
N SER A 241 -12.64 -27.59 -24.47
CA SER A 241 -13.19 -28.69 -25.25
C SER A 241 -12.30 -29.16 -26.40
N ASN A 242 -11.34 -28.34 -26.80
CA ASN A 242 -10.29 -28.74 -27.72
C ASN A 242 -8.99 -29.20 -27.06
N GLY A 243 -9.03 -29.51 -25.76
CA GLY A 243 -7.83 -29.97 -25.06
C GLY A 243 -6.74 -28.91 -24.81
N ARG A 244 -7.06 -27.63 -24.97
CA ARG A 244 -6.08 -26.56 -24.75
C ARG A 244 -6.23 -25.96 -23.34
N LEU A 245 -5.08 -25.72 -22.73
CA LEU A 245 -5.02 -25.19 -21.38
C LEU A 245 -5.55 -23.74 -21.34
N MET A 246 -6.52 -23.50 -20.46
CA MET A 246 -7.03 -22.14 -20.20
C MET A 246 -6.28 -21.52 -18.98
N GLY A 247 -6.24 -20.20 -18.85
CA GLY A 247 -5.34 -19.58 -17.88
C GLY A 247 -3.88 -19.73 -18.33
N ASP A 248 -2.96 -19.37 -17.46
CA ASP A 248 -1.54 -19.27 -17.76
C ASP A 248 -0.69 -20.47 -17.27
N TYR A 249 -1.29 -21.28 -16.40
CA TYR A 249 -0.61 -22.45 -15.85
C TYR A 249 -1.66 -23.42 -15.32
N GLU A 250 -1.33 -24.70 -15.33
CA GLU A 250 -2.18 -25.70 -14.81
C GLU A 250 -2.01 -25.83 -13.30
N SER A 251 -3.11 -25.77 -12.59
CA SER A 251 -3.13 -25.82 -11.17
C SER A 251 -3.98 -27.03 -10.86
N GLY A 252 -3.38 -28.17 -10.67
CA GLY A 252 -4.22 -29.36 -10.50
C GLY A 252 -3.68 -30.30 -9.47
N TYR A 253 -2.36 -30.38 -9.38
CA TYR A 253 -1.76 -31.42 -8.60
C TYR A 253 -1.76 -30.91 -7.17
N GLU A 254 -2.39 -31.65 -6.25
CA GLU A 254 -2.42 -31.36 -4.80
C GLU A 254 -2.02 -32.57 -3.96
N ARG A 255 -2.64 -33.72 -4.23
CA ARG A 255 -2.35 -34.92 -3.46
C ARG A 255 -1.12 -35.58 -4.04
N ARG A 256 -1.10 -35.68 -5.38
CA ARG A 256 0.00 -36.36 -6.06
C ARG A 256 0.53 -35.56 -7.24
N LEU A 257 1.77 -35.80 -7.54
CA LEU A 257 2.49 -35.05 -8.53
C LEU A 257 2.43 -35.89 -9.79
N PRO A 258 2.72 -35.32 -10.95
CA PRO A 258 2.77 -36.10 -12.12
C PRO A 258 3.85 -37.17 -12.04
N ASP A 259 3.55 -38.31 -12.64
CA ASP A 259 4.46 -39.41 -12.68
C ASP A 259 5.68 -39.08 -13.50
N PRO A 260 6.88 -39.26 -12.95
CA PRO A 260 8.07 -38.89 -13.73
C PRO A 260 8.39 -39.68 -15.00
N VAL A 261 7.76 -40.83 -15.16
CA VAL A 261 7.92 -41.61 -16.40
C VAL A 261 6.71 -41.42 -17.32
N LYS A 262 5.51 -41.50 -16.77
CA LYS A 262 4.29 -41.53 -17.61
C LYS A 262 3.61 -40.19 -17.88
N ASP A 263 3.96 -39.16 -17.11
CA ASP A 263 3.27 -37.84 -17.26
C ASP A 263 4.17 -36.75 -17.79
N LEU A 264 5.06 -37.07 -18.74
CA LEU A 264 5.96 -36.07 -19.34
C LEU A 264 5.22 -35.01 -20.17
N LYS A 265 3.95 -35.24 -20.46
CA LYS A 265 3.14 -34.21 -21.14
C LYS A 265 3.12 -32.86 -20.38
N VAL A 266 3.24 -32.88 -19.05
CA VAL A 266 3.22 -31.62 -18.27
C VAL A 266 4.37 -30.69 -18.57
N THR A 267 5.44 -31.20 -19.16
CA THR A 267 6.59 -30.35 -19.49
C THR A 267 6.26 -29.36 -20.62
N GLN A 268 5.10 -29.52 -21.24
CA GLN A 268 4.71 -28.70 -22.35
C GLN A 268 3.99 -27.43 -21.89
N TRP A 269 3.63 -27.33 -20.62
CA TRP A 269 2.94 -26.12 -20.12
C TRP A 269 3.43 -25.77 -18.72
N ASP A 270 3.23 -24.51 -18.29
CA ASP A 270 3.58 -24.16 -16.93
C ASP A 270 2.56 -24.78 -16.03
N TRP A 271 3.01 -25.15 -14.84
CA TRP A 271 2.15 -25.73 -13.87
C TRP A 271 2.73 -25.53 -12.47
N GLU A 272 1.82 -25.60 -11.53
CA GLU A 272 2.11 -25.36 -10.13
C GLU A 272 1.35 -26.35 -9.25
N ALA A 273 2.09 -27.05 -8.38
CA ALA A 273 1.51 -27.93 -7.41
C ALA A 273 1.48 -27.27 -6.07
N CYS A 274 0.45 -27.54 -5.30
CA CYS A 274 0.35 -27.04 -3.94
CA CYS A 274 0.37 -27.07 -3.92
C CYS A 274 0.18 -28.25 -2.98
N MET A 275 0.79 -28.20 -1.80
CA MET A 275 0.76 -29.39 -0.95
CA MET A 275 0.86 -29.40 -0.94
C MET A 275 0.58 -29.01 0.50
N THR A 276 -0.06 -29.90 1.23
CA THR A 276 -0.19 -29.76 2.69
C THR A 276 0.87 -30.57 3.39
N ILE A 277 1.15 -30.23 4.66
CA ILE A 277 2.10 -30.93 5.47
C ILE A 277 1.47 -32.20 6.08
N PRO A 278 0.32 -32.08 6.76
CA PRO A 278 -0.47 -33.27 7.01
C PRO A 278 -1.10 -33.75 5.75
N GLU A 279 -1.86 -34.83 5.83
CA GLU A 279 -2.44 -35.37 4.61
C GLU A 279 -3.45 -34.45 3.99
N ASN A 280 -4.30 -33.83 4.80
CA ASN A 280 -5.36 -33.03 4.22
C ASN A 280 -5.88 -31.99 5.23
N GLN A 281 -5.01 -31.08 5.61
CA GLN A 281 -5.35 -29.95 6.46
C GLN A 281 -4.67 -28.72 5.87
N TRP A 282 -5.48 -27.74 5.46
CA TRP A 282 -4.95 -26.50 4.94
C TRP A 282 -4.99 -25.40 6.00
N GLY A 283 -6.19 -25.10 6.54
CA GLY A 283 -6.27 -24.24 7.72
C GLY A 283 -5.70 -24.91 8.94
N TYR A 284 -5.46 -24.12 9.95
CA TYR A 284 -4.97 -24.61 11.27
C TYR A 284 -5.92 -25.66 11.88
N HIS A 285 -5.44 -26.89 12.07
CA HIS A 285 -6.14 -27.93 12.83
C HIS A 285 -5.33 -28.19 14.09
N LYS A 286 -5.99 -28.17 15.24
CA LYS A 286 -5.26 -28.38 16.51
C LYS A 286 -4.65 -29.76 16.72
N ASP A 287 -5.09 -30.77 16.00
CA ASP A 287 -4.65 -32.13 16.26
C ASP A 287 -4.07 -32.78 15.03
N TRP A 288 -2.77 -32.61 14.90
CA TRP A 288 -2.00 -33.25 13.80
C TRP A 288 -1.69 -34.72 13.99
N SER A 289 -2.06 -35.33 15.11
CA SER A 289 -1.92 -36.79 15.26
C SER A 289 -2.91 -37.53 14.43
N LEU A 290 -3.90 -36.84 13.85
CA LEU A 290 -4.98 -37.56 13.16
C LEU A 290 -4.66 -38.09 11.80
N SER A 291 -3.58 -37.63 11.18
CA SER A 291 -3.20 -38.15 9.89
C SER A 291 -1.68 -38.05 9.78
N TYR A 292 -1.16 -38.60 8.69
CA TYR A 292 0.26 -38.66 8.48
C TYR A 292 0.80 -37.22 8.21
N VAL A 293 1.87 -36.88 8.90
CA VAL A 293 2.53 -35.59 8.74
C VAL A 293 3.90 -35.76 8.07
N LYS A 294 4.07 -35.15 6.91
CA LYS A 294 5.29 -35.29 6.15
C LYS A 294 6.51 -34.69 6.87
N THR A 295 7.65 -35.36 6.75
CA THR A 295 8.96 -34.86 7.27
C THR A 295 9.56 -33.88 6.27
N PRO A 296 10.50 -33.04 6.70
CA PRO A 296 11.17 -32.13 5.78
C PRO A 296 11.76 -32.79 4.52
N ILE A 297 12.38 -33.97 4.66
CA ILE A 297 12.93 -34.63 3.45
C ILE A 297 11.83 -35.06 2.52
N GLU A 298 10.72 -35.53 3.06
CA GLU A 298 9.58 -35.85 2.15
C GLU A 298 9.07 -34.62 1.38
N VAL A 299 9.07 -33.46 2.03
CA VAL A 299 8.64 -32.25 1.36
C VAL A 299 9.68 -31.81 0.34
N ILE A 300 10.96 -31.87 0.68
CA ILE A 300 12.02 -31.47 -0.27
C ILE A 300 11.96 -32.35 -1.50
N ASP A 301 11.68 -33.64 -1.29
CA ASP A 301 11.54 -34.58 -2.39
C ASP A 301 10.47 -34.07 -3.38
N ARG A 302 9.34 -33.63 -2.85
CA ARG A 302 8.25 -33.16 -3.69
CA ARG A 302 8.24 -33.17 -3.68
C ARG A 302 8.61 -31.88 -4.40
N ILE A 303 9.34 -31.00 -3.72
CA ILE A 303 9.76 -29.75 -4.33
C ILE A 303 10.65 -30.03 -5.54
N VAL A 304 11.68 -30.84 -5.33
CA VAL A 304 12.59 -31.15 -6.46
C VAL A 304 11.86 -31.91 -7.56
N HIS A 305 10.99 -32.85 -7.18
CA HIS A 305 10.19 -33.60 -8.15
C HIS A 305 9.44 -32.66 -9.09
N ALA A 306 8.73 -31.67 -8.54
CA ALA A 306 8.01 -30.71 -9.37
C ALA A 306 8.94 -29.96 -10.33
N VAL A 307 10.04 -29.42 -9.82
CA VAL A 307 10.97 -28.65 -10.69
C VAL A 307 11.58 -29.55 -11.76
N SER A 308 11.83 -30.82 -11.42
CA SER A 308 12.37 -31.79 -12.41
C SER A 308 11.43 -32.03 -13.58
N MET A 309 10.17 -31.73 -13.38
CA MET A 309 9.17 -31.89 -14.45
C MET A 309 8.56 -30.58 -14.92
N GLY A 310 9.28 -29.51 -14.68
CA GLY A 310 8.94 -28.20 -15.23
C GLY A 310 7.90 -27.41 -14.49
N GLY A 311 7.70 -27.77 -13.22
CA GLY A 311 6.63 -27.16 -12.41
C GLY A 311 7.14 -26.49 -11.12
N ASN A 312 6.28 -25.63 -10.56
CA ASN A 312 6.47 -25.00 -9.29
C ASN A 312 5.87 -25.83 -8.17
N MET A 313 6.39 -25.65 -6.95
CA MET A 313 5.82 -26.27 -5.77
C MET A 313 5.60 -25.23 -4.67
N VAL A 314 4.44 -25.33 -4.02
CA VAL A 314 4.03 -24.44 -2.94
C VAL A 314 3.67 -25.24 -1.69
N VAL A 315 4.37 -24.96 -0.61
CA VAL A 315 4.21 -25.67 0.67
C VAL A 315 3.24 -24.86 1.53
N ASN A 316 2.15 -25.48 1.95
CA ASN A 316 1.13 -24.80 2.79
C ASN A 316 1.43 -24.68 4.27
N PHE A 317 1.02 -23.54 4.84
CA PHE A 317 1.07 -23.25 6.26
C PHE A 317 -0.30 -22.78 6.72
N GLY A 318 -0.76 -23.22 7.89
CA GLY A 318 -2.03 -22.78 8.49
C GLY A 318 -1.79 -22.10 9.79
N PRO A 319 -1.55 -20.79 9.76
CA PRO A 319 -1.19 -20.08 10.98
C PRO A 319 -2.25 -20.20 12.10
N GLN A 320 -1.76 -20.17 13.32
CA GLN A 320 -2.59 -20.18 14.47
C GLN A 320 -3.47 -18.96 14.55
N ALA A 321 -4.54 -19.09 15.31
CA ALA A 321 -5.44 -17.94 15.57
C ALA A 321 -4.71 -16.72 16.11
N ASP A 322 -3.70 -16.93 16.95
CA ASP A 322 -3.01 -15.86 17.57
C ASP A 322 -2.04 -15.11 16.66
N GLY A 323 -1.83 -15.60 15.44
CA GLY A 323 -0.93 -14.97 14.50
C GLY A 323 0.50 -15.48 14.49
N ASP A 324 0.78 -16.51 15.26
CA ASP A 324 2.07 -17.18 15.21
C ASP A 324 1.90 -18.53 14.45
N PHE A 325 3.03 -19.15 14.12
CA PHE A 325 3.07 -20.47 13.53
C PHE A 325 3.36 -21.56 14.56
N ARG A 326 2.71 -22.72 14.39
CA ARG A 326 2.93 -23.87 15.24
C ARG A 326 4.39 -24.40 15.10
N PRO A 327 4.90 -25.07 16.15
CA PRO A 327 6.30 -25.52 16.18
C PRO A 327 6.64 -26.44 15.02
N GLU A 328 5.71 -27.28 14.58
CA GLU A 328 5.99 -28.21 13.47
C GLU A 328 6.27 -27.41 12.18
N GLU A 329 5.53 -26.32 11.97
CA GLU A 329 5.70 -25.48 10.78
C GLU A 329 6.98 -24.63 10.85
N LYS A 330 7.32 -24.13 12.03
CA LYS A 330 8.61 -23.41 12.15
C LYS A 330 9.76 -24.38 11.85
N ALA A 331 9.66 -25.63 12.32
CA ALA A 331 10.72 -26.63 12.08
C ALA A 331 10.82 -26.94 10.64
N MET A 332 9.69 -27.10 9.97
CA MET A 332 9.68 -27.37 8.56
C MET A 332 10.32 -26.27 7.73
N ALA A 333 9.91 -25.03 7.99
CA ALA A 333 10.44 -23.89 7.24
C ALA A 333 11.95 -23.78 7.43
N THR A 334 12.43 -24.01 8.64
CA THR A 334 13.85 -23.92 8.95
C THR A 334 14.66 -25.01 8.28
N ALA A 335 14.12 -26.22 8.26
CA ALA A 335 14.79 -27.36 7.57
C ALA A 335 14.85 -27.20 6.10
N ILE A 336 13.74 -26.77 5.51
CA ILE A 336 13.73 -26.48 4.08
C ILE A 336 14.75 -25.40 3.75
N GLY A 337 14.74 -24.34 4.54
CA GLY A 337 15.66 -23.23 4.27
C GLY A 337 17.14 -23.62 4.29
N LYS A 338 17.50 -24.42 5.26
CA LYS A 338 18.87 -24.89 5.40
C LYS A 338 19.28 -25.71 4.18
N TRP A 339 18.38 -26.59 3.73
CA TRP A 339 18.64 -27.38 2.49
C TRP A 339 18.69 -26.51 1.25
N MET A 340 17.76 -25.58 1.13
CA MET A 340 17.75 -24.69 -0.06
C MET A 340 19.00 -23.78 -0.11
N ASN A 341 19.48 -23.35 1.02
CA ASN A 341 20.68 -22.50 1.05
C ASN A 341 21.88 -23.28 0.49
N ARG A 342 21.92 -24.59 0.73
CA ARG A 342 22.99 -25.45 0.20
C ARG A 342 22.81 -25.85 -1.22
N TYR A 343 21.58 -26.21 -1.57
CA TYR A 343 21.33 -26.93 -2.81
C TYR A 343 20.44 -26.21 -3.78
N GLY A 344 20.06 -24.98 -3.45
CA GLY A 344 19.07 -24.30 -4.24
C GLY A 344 19.46 -23.90 -5.62
N LYS A 345 20.74 -23.96 -5.97
CA LYS A 345 21.10 -23.73 -7.39
C LYS A 345 20.49 -24.77 -8.28
N ALA A 346 20.10 -25.94 -7.75
CA ALA A 346 19.42 -27.00 -8.55
C ALA A 346 17.90 -26.89 -8.56
N VAL A 347 17.36 -25.85 -7.88
CA VAL A 347 15.93 -25.62 -7.83
C VAL A 347 15.50 -24.32 -8.52
N TYR A 348 16.02 -23.20 -8.02
CA TYR A 348 15.65 -21.89 -8.57
C TYR A 348 16.05 -21.79 -10.01
N ALA A 349 15.12 -21.29 -10.84
CA ALA A 349 15.40 -21.03 -12.25
C ALA A 349 15.76 -22.32 -13.00
N CYS A 350 15.31 -23.48 -12.51
CA CYS A 350 15.64 -24.75 -13.14
C CYS A 350 14.41 -25.33 -13.78
N ASP A 351 14.61 -26.42 -14.53
CA ASP A 351 13.53 -26.94 -15.33
C ASP A 351 13.85 -28.41 -15.73
N TYR A 352 12.97 -28.96 -16.54
CA TYR A 352 13.03 -30.37 -16.98
C TYR A 352 14.29 -30.57 -17.79
N ALA A 353 15.04 -31.64 -17.50
CA ALA A 353 16.31 -31.85 -18.15
C ALA A 353 16.28 -32.71 -19.43
N GLY A 354 15.19 -33.43 -19.69
CA GLY A 354 15.07 -34.33 -20.84
C GLY A 354 15.83 -35.66 -20.72
N PHE A 355 16.22 -36.06 -19.51
CA PHE A 355 16.93 -37.33 -19.28
C PHE A 355 15.95 -38.42 -18.77
N GLU A 356 16.26 -39.65 -19.08
CA GLU A 356 15.50 -40.76 -18.58
CA GLU A 356 15.51 -40.77 -18.58
C GLU A 356 15.63 -40.81 -17.06
N LYS A 357 14.49 -40.95 -16.42
CA LYS A 357 14.42 -41.02 -14.95
C LYS A 357 15.22 -42.20 -14.39
N GLN A 358 16.01 -41.94 -13.35
CA GLN A 358 16.72 -42.96 -12.59
C GLN A 358 16.27 -43.04 -11.15
N ASP A 359 16.57 -44.16 -10.49
CA ASP A 359 16.06 -44.44 -9.13
C ASP A 359 16.64 -43.63 -7.99
N TRP A 360 17.84 -43.07 -8.18
CA TRP A 360 18.51 -42.37 -7.14
C TRP A 360 17.87 -41.03 -6.81
N GLY A 361 17.05 -40.50 -7.73
CA GLY A 361 16.54 -39.17 -7.57
C GLY A 361 16.13 -38.52 -8.84
N TYR A 362 16.37 -37.20 -8.93
CA TYR A 362 15.84 -36.40 -10.03
C TYR A 362 16.93 -35.59 -10.71
N TYR A 363 16.76 -35.32 -12.00
CA TYR A 363 17.60 -34.36 -12.68
C TYR A 363 16.86 -33.03 -12.75
N THR A 364 17.61 -31.95 -12.66
CA THR A 364 17.14 -30.65 -13.08
C THR A 364 18.18 -30.01 -14.01
N ARG A 365 17.68 -29.11 -14.87
CA ARG A 365 18.52 -28.35 -15.77
C ARG A 365 18.52 -26.83 -15.46
N GLY A 366 19.72 -26.26 -15.34
CA GLY A 366 19.90 -24.80 -15.11
C GLY A 366 19.82 -24.00 -16.41
N LYS A 367 20.04 -22.70 -16.30
CA LYS A 367 19.79 -21.80 -17.46
C LYS A 367 20.90 -21.87 -18.47
N ASN A 368 22.07 -22.33 -18.05
CA ASN A 368 23.21 -22.47 -18.96
C ASN A 368 23.64 -23.93 -19.18
N ASP A 369 22.66 -24.81 -19.39
CA ASP A 369 22.88 -26.25 -19.65
C ASP A 369 23.58 -27.04 -18.52
N GLU A 370 23.57 -26.51 -17.30
CA GLU A 370 23.99 -27.31 -16.18
C GLU A 370 22.91 -28.41 -16.02
N VAL A 371 23.37 -29.63 -15.76
CA VAL A 371 22.46 -30.74 -15.38
C VAL A 371 22.81 -31.13 -13.95
N TYR A 372 21.80 -31.04 -13.09
CA TYR A 372 22.01 -31.34 -11.67
C TYR A 372 21.41 -32.72 -11.37
N MET A 373 22.13 -33.51 -10.60
CA MET A 373 21.63 -34.78 -10.12
C MET A 373 21.31 -34.57 -8.66
N VAL A 374 20.01 -34.71 -8.30
CA VAL A 374 19.58 -34.55 -6.96
C VAL A 374 19.25 -35.94 -6.40
N VAL A 375 20.08 -36.38 -5.45
CA VAL A 375 20.11 -37.74 -4.98
C VAL A 375 19.39 -37.89 -3.66
N PHE A 376 18.26 -38.59 -3.72
CA PHE A 376 17.43 -38.91 -2.52
C PHE A 376 17.54 -40.33 -1.98
N ASN A 377 17.96 -41.25 -2.85
CA ASN A 377 18.07 -42.69 -2.57
C ASN A 377 19.51 -43.18 -2.96
N GLN A 378 20.34 -43.39 -1.93
CA GLN A 378 21.74 -43.67 -2.06
C GLN A 378 21.94 -45.18 -2.41
N PRO A 379 22.45 -45.47 -3.60
CA PRO A 379 22.71 -46.88 -3.99
C PRO A 379 23.79 -47.55 -3.20
N TYR A 380 23.48 -48.73 -2.65
CA TYR A 380 24.51 -49.53 -2.00
C TYR A 380 25.63 -49.84 -3.01
N SER A 381 25.34 -49.87 -4.32
CA SER A 381 26.41 -50.08 -5.33
C SER A 381 27.47 -48.95 -5.35
N GLU A 382 27.12 -47.80 -4.76
CA GLU A 382 27.94 -46.60 -4.74
C GLU A 382 28.19 -46.03 -6.10
N ARG A 383 27.28 -46.34 -6.99
CA ARG A 383 27.32 -45.87 -8.37
C ARG A 383 25.94 -45.33 -8.72
N LEU A 384 25.91 -44.14 -9.33
CA LEU A 384 24.68 -43.49 -9.78
C LEU A 384 24.58 -43.58 -11.27
N ILE A 385 23.61 -44.32 -11.75
CA ILE A 385 23.50 -44.57 -13.17
C ILE A 385 23.00 -43.32 -13.89
N VAL A 386 23.68 -42.95 -14.99
CA VAL A 386 23.25 -41.86 -15.85
C VAL A 386 23.22 -42.33 -17.27
N LYS A 387 22.01 -42.39 -17.81
CA LYS A 387 21.77 -42.66 -19.23
C LYS A 387 21.47 -41.34 -19.90
N THR A 388 22.35 -40.97 -20.85
CA THR A 388 22.23 -39.68 -21.56
C THR A 388 21.36 -39.83 -22.81
N PRO A 389 20.67 -38.75 -23.23
CA PRO A 389 20.00 -38.76 -24.53
C PRO A 389 20.99 -38.88 -25.72
N LYS A 390 20.51 -39.25 -26.90
CA LYS A 390 21.35 -39.36 -28.11
C LYS A 390 22.13 -38.09 -28.24
N GLY A 391 23.43 -38.19 -28.44
CA GLY A 391 24.27 -37.04 -28.76
C GLY A 391 24.82 -36.28 -27.58
N ILE A 392 24.41 -36.65 -26.36
CA ILE A 392 24.87 -35.96 -25.19
C ILE A 392 25.94 -36.78 -24.49
N THR A 393 27.03 -36.16 -24.07
CA THR A 393 28.05 -36.80 -23.27
C THR A 393 28.31 -36.08 -21.98
N VAL A 394 28.80 -36.80 -20.99
CA VAL A 394 29.09 -36.22 -19.70
C VAL A 394 30.56 -35.98 -19.65
N GLU A 395 30.96 -34.74 -19.38
CA GLU A 395 32.38 -34.37 -19.40
C GLU A 395 32.95 -34.28 -18.04
N LYS A 396 32.13 -33.97 -17.06
CA LYS A 396 32.63 -33.78 -15.69
C LYS A 396 31.46 -33.92 -14.71
N ALA A 397 31.78 -34.32 -13.50
CA ALA A 397 30.85 -34.30 -12.41
C ALA A 397 31.54 -33.67 -11.23
N THR A 398 30.78 -32.86 -10.52
CA THR A 398 31.28 -32.13 -9.34
C THR A 398 30.26 -32.18 -8.21
N LEU A 399 30.72 -32.38 -6.99
CA LEU A 399 29.85 -32.23 -5.87
C LEU A 399 29.55 -30.73 -5.64
N LEU A 400 28.26 -30.37 -5.69
CA LEU A 400 27.85 -28.95 -5.59
C LEU A 400 28.47 -28.23 -4.42
N THR A 401 28.34 -28.75 -3.22
CA THR A 401 28.74 -28.03 -2.05
C THR A 401 30.23 -27.74 -1.96
N THR A 402 31.07 -28.70 -2.35
CA THR A 402 32.52 -28.62 -2.07
C THR A 402 33.34 -28.41 -3.31
N GLY A 403 32.74 -28.55 -4.47
CA GLY A 403 33.50 -28.46 -5.70
C GLY A 403 34.39 -29.68 -6.01
N GLU A 404 34.34 -30.72 -5.17
CA GLU A 404 35.18 -31.89 -5.41
C GLU A 404 34.80 -32.66 -6.69
N ASP A 405 35.81 -33.19 -7.37
CA ASP A 405 35.58 -33.80 -8.65
C ASP A 405 35.07 -35.22 -8.35
N ILE A 406 34.11 -35.67 -9.12
CA ILE A 406 33.47 -36.99 -8.91
C ILE A 406 33.79 -37.81 -10.16
N THR A 407 34.19 -39.05 -9.96
CA THR A 407 34.55 -39.92 -11.08
C THR A 407 33.34 -40.31 -11.87
N VAL A 408 33.48 -40.23 -13.17
CA VAL A 408 32.48 -40.63 -14.15
C VAL A 408 33.09 -41.72 -14.99
N VAL A 409 32.43 -42.86 -15.12
CA VAL A 409 32.96 -44.01 -15.86
C VAL A 409 31.91 -44.39 -16.91
N GLU A 410 32.32 -44.52 -18.14
CA GLU A 410 31.43 -44.96 -19.17
C GLU A 410 31.21 -46.48 -19.04
N THR A 411 29.96 -46.93 -19.06
CA THR A 411 29.67 -48.38 -18.86
C THR A 411 29.22 -49.03 -20.15
N THR A 412 28.47 -48.29 -20.95
CA THR A 412 27.96 -48.75 -22.25
C THR A 412 27.94 -47.52 -23.18
N ARG A 413 27.44 -47.73 -24.41
CA ARG A 413 27.19 -46.70 -25.42
C ARG A 413 26.50 -45.44 -24.87
N ASN A 414 25.42 -45.57 -24.13
CA ASN A 414 24.77 -44.30 -23.69
C ASN A 414 24.67 -44.13 -22.18
N GLU A 415 25.62 -44.71 -21.47
CA GLU A 415 25.44 -44.83 -20.04
C GLU A 415 26.74 -44.71 -19.25
N TYR A 416 26.63 -44.06 -18.10
CA TYR A 416 27.71 -43.87 -17.17
C TYR A 416 27.34 -44.30 -15.76
N ASN A 417 28.36 -44.65 -14.97
CA ASN A 417 28.28 -44.67 -13.56
C ASN A 417 29.00 -43.42 -13.03
N VAL A 418 28.24 -42.58 -12.35
CA VAL A 418 28.78 -41.46 -11.62
C VAL A 418 28.96 -41.96 -10.23
N SER A 419 30.16 -41.89 -9.72
CA SER A 419 30.42 -42.33 -8.36
CA SER A 419 30.40 -42.32 -8.34
C SER A 419 29.66 -41.45 -7.32
N VAL A 420 29.30 -42.05 -6.17
CA VAL A 420 28.82 -41.28 -5.02
C VAL A 420 30.05 -40.56 -4.45
N PRO A 421 29.83 -39.51 -3.65
CA PRO A 421 30.98 -38.81 -3.05
C PRO A 421 31.73 -39.67 -2.09
N LYS A 422 32.98 -39.31 -1.82
CA LYS A 422 33.85 -40.15 -1.05
C LYS A 422 33.32 -40.27 0.34
N LYS A 423 32.74 -39.18 0.86
CA LYS A 423 32.04 -39.19 2.17
C LYS A 423 30.51 -39.06 1.91
N ASN A 424 29.73 -39.89 2.57
CA ASN A 424 28.26 -39.84 2.40
C ASN A 424 27.77 -38.51 2.93
N PRO A 425 27.11 -37.71 2.08
CA PRO A 425 26.68 -36.41 2.61
C PRO A 425 25.65 -36.45 3.73
N GLY A 426 24.96 -37.58 3.91
CA GLY A 426 24.04 -37.72 5.05
C GLY A 426 22.70 -37.06 4.88
N GLU A 427 22.39 -36.61 3.68
CA GLU A 427 21.16 -35.90 3.40
C GLU A 427 21.04 -35.89 1.88
N PRO A 428 19.84 -35.60 1.34
CA PRO A 428 19.82 -35.49 -0.12
C PRO A 428 20.81 -34.46 -0.63
N TYR A 429 21.48 -34.73 -1.73
CA TYR A 429 22.63 -33.92 -2.11
C TYR A 429 22.68 -33.74 -3.62
N VAL A 430 23.54 -32.83 -4.09
CA VAL A 430 23.56 -32.48 -5.52
C VAL A 430 24.92 -32.74 -6.13
N ILE A 431 24.91 -33.40 -7.31
CA ILE A 431 26.12 -33.51 -8.15
C ILE A 431 25.82 -32.77 -9.41
N GLN A 432 26.72 -31.85 -9.80
CA GLN A 432 26.50 -31.09 -11.02
C GLN A 432 27.26 -31.69 -12.17
N LEU A 433 26.58 -31.91 -13.28
CA LEU A 433 27.20 -32.45 -14.45
C LEU A 433 27.45 -31.36 -15.52
N LYS A 434 28.62 -31.44 -16.13
CA LYS A 434 28.96 -30.69 -17.34
C LYS A 434 28.75 -31.63 -18.50
N VAL A 435 27.81 -31.30 -19.36
CA VAL A 435 27.47 -32.12 -20.48
C VAL A 435 27.75 -31.39 -21.79
N ARG A 436 27.85 -32.14 -22.89
CA ARG A 436 28.17 -31.57 -24.23
C ARG A 436 27.25 -32.23 -25.21
N ALA A 437 26.71 -31.45 -26.14
CA ALA A 437 25.84 -31.97 -27.20
C ALA A 437 26.64 -31.99 -28.50
N ALA A 438 26.55 -33.10 -29.23
CA ALA A 438 27.07 -33.17 -30.61
C ALA A 438 26.42 -32.11 -31.48
N GLU B 1 -27.38 27.34 -15.03
CA GLU B 1 -26.32 26.30 -14.75
C GLU B 1 -25.65 25.94 -16.07
N ILE B 2 -24.31 25.91 -16.10
CA ILE B 2 -23.52 25.36 -17.22
C ILE B 2 -23.46 23.87 -16.91
N PRO B 3 -23.93 23.00 -17.82
CA PRO B 3 -23.86 21.57 -17.45
C PRO B 3 -22.40 21.06 -17.51
N LEU B 4 -22.02 20.19 -16.58
CA LEU B 4 -20.60 19.74 -16.46
C LEU B 4 -20.49 18.25 -16.08
N LYS B 5 -19.58 17.54 -16.74
CA LYS B 5 -19.22 16.18 -16.36
C LYS B 5 -18.23 16.19 -15.16
N TYR B 6 -17.35 17.18 -15.07
CA TYR B 6 -16.20 17.14 -14.16
C TYR B 6 -16.12 18.30 -13.19
N GLY B 7 -17.27 18.79 -12.76
CA GLY B 7 -17.36 19.91 -11.84
C GLY B 7 -17.48 19.38 -10.45
N ALA B 8 -17.99 20.19 -9.53
CA ALA B 8 -18.07 19.82 -8.12
C ALA B 8 -18.90 18.59 -7.88
N THR B 9 -18.58 17.92 -6.78
CA THR B 9 -19.20 16.66 -6.38
C THR B 9 -19.91 16.82 -5.02
N ASN B 10 -19.19 17.22 -3.97
CA ASN B 10 -19.79 17.64 -2.70
C ASN B 10 -20.64 18.93 -2.88
N GLU B 11 -21.79 19.01 -2.23
CA GLU B 11 -22.46 20.30 -1.97
C GLU B 11 -22.31 20.54 -0.47
N GLY B 12 -21.63 21.61 -0.09
CA GLY B 12 -21.49 21.89 1.33
C GLY B 12 -20.32 21.11 1.92
N LYS B 13 -20.11 21.27 3.21
CA LYS B 13 -18.98 20.61 3.89
C LYS B 13 -19.23 19.10 4.05
N ARG B 14 -18.20 18.29 3.83
CA ARG B 14 -18.24 16.88 4.31
C ARG B 14 -18.35 16.85 5.83
N GLN B 15 -19.22 16.00 6.35
CA GLN B 15 -19.30 15.82 7.81
C GLN B 15 -19.04 14.37 8.30
N ASP B 16 -18.43 13.56 7.44
CA ASP B 16 -17.99 12.25 7.88
C ASP B 16 -16.84 12.44 8.87
N PRO B 17 -16.59 11.43 9.73
CA PRO B 17 -15.55 11.55 10.76
C PRO B 17 -14.13 11.86 10.25
N ALA B 18 -13.77 11.36 9.07
CA ALA B 18 -12.44 11.66 8.52
C ALA B 18 -12.31 13.18 8.20
N MET B 19 -13.32 13.78 7.57
CA MET B 19 -13.29 15.23 7.37
C MET B 19 -13.35 16.01 8.68
N GLN B 20 -14.13 15.55 9.66
CA GLN B 20 -14.13 16.17 10.96
C GLN B 20 -12.77 16.18 11.62
N LYS B 21 -12.02 15.10 11.44
CA LYS B 21 -10.65 15.01 11.99
C LYS B 21 -9.70 16.01 11.28
N PHE B 22 -9.77 16.04 9.96
CA PHE B 22 -8.97 16.93 9.15
C PHE B 22 -9.15 18.37 9.65
N ARG B 23 -10.42 18.75 9.84
CA ARG B 23 -10.82 20.07 10.29
C ARG B 23 -10.35 20.31 11.72
N ASP B 24 -10.72 19.41 12.63
CA ASP B 24 -10.44 19.61 14.04
C ASP B 24 -8.95 19.69 14.35
N ASN B 25 -8.16 18.98 13.59
CA ASN B 25 -6.70 19.02 13.75
C ASN B 25 -6.20 20.51 13.76
N ARG B 26 -6.70 21.33 12.85
CA ARG B 26 -6.40 22.79 12.71
C ARG B 26 -5.00 23.21 12.38
N LEU B 27 -4.04 22.78 13.19
CA LEU B 27 -2.64 23.19 13.00
C LEU B 27 -1.82 22.05 12.43
N GLY B 28 -1.23 22.31 11.27
CA GLY B 28 -0.26 21.41 10.65
C GLY B 28 1.10 22.04 10.42
N ALA B 29 2.07 21.18 10.06
CA ALA B 29 3.37 21.59 9.54
C ALA B 29 3.52 21.04 8.13
N PHE B 30 4.27 21.77 7.32
CA PHE B 30 4.59 21.39 5.97
C PHE B 30 6.09 21.04 5.95
N ILE B 31 6.48 20.00 5.22
CA ILE B 31 7.85 19.63 4.99
C ILE B 31 8.12 19.72 3.49
N HIS B 32 8.98 20.65 3.08
CA HIS B 32 9.51 20.69 1.72
C HIS B 32 10.92 20.16 1.84
N TRP B 33 11.16 18.93 1.35
CA TRP B 33 12.50 18.31 1.35
C TRP B 33 12.69 17.54 0.05
N GLY B 34 13.83 17.84 -0.61
CA GLY B 34 14.14 17.32 -1.92
C GLY B 34 15.57 17.72 -2.26
N LEU B 35 15.96 17.46 -3.48
CA LEU B 35 17.40 17.62 -3.85
C LEU B 35 17.84 19.07 -3.77
N TYR B 36 16.88 19.99 -3.96
CA TYR B 36 17.08 21.44 -3.74
C TYR B 36 17.68 21.79 -2.41
N ALA B 37 17.52 20.94 -1.40
CA ALA B 37 18.16 21.23 -0.08
C ALA B 37 19.70 21.19 -0.11
N ILE B 38 20.27 20.41 -1.04
CA ILE B 38 21.75 20.30 -1.19
C ILE B 38 22.39 21.64 -1.60
N PRO B 39 21.98 22.23 -2.72
CA PRO B 39 22.60 23.51 -3.10
C PRO B 39 22.06 24.69 -2.29
N GLY B 40 20.85 24.54 -1.74
CA GLY B 40 20.35 25.57 -0.79
C GLY B 40 20.26 26.97 -1.36
N GLY B 41 19.82 27.09 -2.60
CA GLY B 41 19.68 28.36 -3.26
C GLY B 41 20.93 28.90 -4.02
N GLU B 42 22.04 28.19 -3.91
CA GLU B 42 23.31 28.55 -4.56
C GLU B 42 23.71 27.56 -5.64
N TRP B 43 24.06 28.07 -6.82
CA TRP B 43 24.54 27.20 -7.92
C TRP B 43 25.79 27.78 -8.59
N ASN B 44 26.88 27.00 -8.64
CA ASN B 44 28.16 27.47 -9.20
C ASN B 44 28.60 28.81 -8.65
N GLY B 45 28.54 28.95 -7.32
CA GLY B 45 29.03 30.15 -6.65
C GLY B 45 28.08 31.34 -6.63
N LYS B 46 26.94 31.27 -7.33
CA LYS B 46 25.96 32.36 -7.32
C LYS B 46 24.74 32.00 -6.44
N VAL B 47 24.37 32.90 -5.55
CA VAL B 47 23.19 32.73 -4.69
C VAL B 47 22.00 33.39 -5.34
N TYR B 48 20.99 32.62 -5.69
CA TYR B 48 19.76 33.16 -6.27
C TYR B 48 18.69 33.48 -5.19
N GLY B 49 18.06 34.65 -5.30
CA GLY B 49 17.06 35.12 -4.35
C GLY B 49 15.72 34.39 -4.42
N GLY B 50 15.42 33.78 -5.56
CA GLY B 50 14.12 33.09 -5.71
C GLY B 50 13.99 31.86 -4.80
N ALA B 51 12.78 31.31 -4.75
CA ALA B 51 12.50 30.14 -3.92
C ALA B 51 13.51 29.02 -4.25
N ALA B 52 14.20 28.55 -3.23
CA ALA B 52 15.24 27.52 -3.37
C ALA B 52 14.80 26.24 -4.09
N GLU B 53 13.54 25.85 -3.88
CA GLU B 53 13.06 24.64 -4.52
C GLU B 53 12.88 24.77 -6.01
N TRP B 54 12.94 26.03 -6.51
CA TRP B 54 12.91 26.39 -7.95
C TRP B 54 14.30 26.78 -8.52
N LEU B 55 15.38 26.48 -7.82
CA LEU B 55 16.74 26.75 -8.29
C LEU B 55 17.07 26.14 -9.64
N LYS B 56 16.55 24.95 -9.93
CA LYS B 56 16.78 24.35 -11.22
C LYS B 56 16.40 25.35 -12.33
N SER B 57 15.29 26.03 -12.14
CA SER B 57 14.80 27.03 -13.07
C SER B 57 15.64 28.32 -13.02
N TRP B 58 15.91 28.87 -11.84
CA TRP B 58 16.66 30.14 -11.76
C TRP B 58 18.05 29.99 -12.37
N ALA B 59 18.75 28.90 -12.07
CA ALA B 59 20.11 28.68 -12.58
C ALA B 59 20.17 27.91 -13.92
N LYS B 60 19.01 27.67 -14.52
CA LYS B 60 18.90 27.01 -15.82
C LYS B 60 19.72 25.72 -15.86
N VAL B 61 19.47 24.85 -14.88
CA VAL B 61 20.17 23.57 -14.81
C VAL B 61 19.38 22.52 -15.58
N PRO B 62 20.04 21.82 -16.52
CA PRO B 62 19.35 20.77 -17.26
C PRO B 62 18.97 19.66 -16.29
N ALA B 63 17.91 18.96 -16.59
CA ALA B 63 17.44 17.84 -15.77
C ALA B 63 18.51 16.85 -15.35
N ASP B 64 19.30 16.37 -16.32
CA ASP B 64 20.26 15.30 -16.03
C ASP B 64 21.27 15.79 -15.04
N GLU B 65 21.70 17.03 -15.23
CA GLU B 65 22.64 17.62 -14.31
C GLU B 65 22.02 17.90 -12.89
N TRP B 66 20.83 18.44 -12.88
CA TRP B 66 20.12 18.66 -11.56
C TRP B 66 19.95 17.32 -10.78
N LEU B 67 19.52 16.28 -11.49
CA LEU B 67 19.23 15.00 -10.85
C LEU B 67 20.45 14.25 -10.37
N LYS B 68 21.63 14.66 -10.83
CA LYS B 68 22.89 14.16 -10.32
C LYS B 68 23.13 14.52 -8.90
N LEU B 69 22.38 15.49 -8.40
CA LEU B 69 22.40 15.78 -6.97
C LEU B 69 22.05 14.57 -6.10
N MET B 70 21.32 13.62 -6.67
CA MET B 70 21.08 12.31 -6.02
C MET B 70 22.35 11.65 -5.47
N ASP B 71 23.47 11.79 -6.19
CA ASP B 71 24.75 11.21 -5.70
C ASP B 71 25.26 11.83 -4.41
N GLN B 72 24.73 13.01 -4.07
CA GLN B 72 25.06 13.69 -2.84
C GLN B 72 23.96 13.55 -1.75
N TRP B 73 22.88 12.84 -2.06
CA TRP B 73 21.78 12.68 -1.08
C TRP B 73 22.14 11.63 -0.02
N ASN B 74 22.59 12.11 1.12
CA ASN B 74 23.00 11.29 2.18
C ASN B 74 22.79 11.98 3.52
N PRO B 75 21.51 12.15 3.93
CA PRO B 75 21.17 12.93 5.13
C PRO B 75 21.44 12.14 6.39
N THR B 76 22.71 12.08 6.79
CA THR B 76 23.10 11.22 7.89
C THR B 76 22.58 11.63 9.23
N LYS B 77 22.15 12.88 9.41
CA LYS B 77 21.51 13.29 10.66
C LYS B 77 19.96 13.05 10.69
N PHE B 78 19.40 12.56 9.61
CA PHE B 78 17.97 12.24 9.57
C PHE B 78 17.57 11.22 10.64
N ASP B 79 16.53 11.53 11.38
CA ASP B 79 16.00 10.62 12.39
C ASP B 79 14.49 10.89 12.47
N ALA B 80 13.72 10.02 11.88
CA ALA B 80 12.27 10.22 11.76
C ALA B 80 11.60 10.39 13.11
N LYS B 81 12.07 9.68 14.14
CA LYS B 81 11.53 9.81 15.48
C LYS B 81 11.79 11.21 16.07
N LYS B 82 12.95 11.77 15.78
CA LYS B 82 13.24 13.15 16.17
C LYS B 82 12.36 14.17 15.46
N TRP B 83 12.15 13.99 14.16
CA TRP B 83 11.26 14.84 13.43
C TRP B 83 9.85 14.80 14.02
N ALA B 84 9.35 13.60 14.30
CA ALA B 84 8.03 13.46 14.83
C ALA B 84 7.93 14.05 16.23
N LYS B 85 8.99 13.94 17.02
CA LYS B 85 9.03 14.57 18.33
C LYS B 85 8.98 16.13 18.27
N MET B 86 9.69 16.70 17.30
CA MET B 86 9.66 18.14 17.05
C MET B 86 8.23 18.59 16.68
N ALA B 87 7.59 17.83 15.78
CA ALA B 87 6.22 18.13 15.41
C ALA B 87 5.26 18.02 16.59
N LYS B 88 5.42 16.97 17.39
CA LYS B 88 4.58 16.76 18.56
C LYS B 88 4.74 17.93 19.57
N GLU B 89 5.97 18.31 19.85
CA GLU B 89 6.22 19.40 20.79
C GLU B 89 5.76 20.75 20.30
N MET B 90 5.80 20.97 18.99
CA MET B 90 5.23 22.20 18.36
C MET B 90 3.70 22.27 18.50
N GLY B 91 3.06 21.13 18.70
CA GLY B 91 1.62 21.08 18.81
C GLY B 91 0.93 20.91 17.47
N THR B 92 1.66 20.45 16.47
CA THR B 92 1.02 20.11 15.18
C THR B 92 0.23 18.80 15.29
N LYS B 93 -0.90 18.73 14.58
CA LYS B 93 -1.75 17.54 14.63
C LYS B 93 -1.64 16.74 13.35
N TYR B 94 -1.00 17.37 12.37
CA TYR B 94 -0.68 16.71 11.11
C TYR B 94 0.51 17.35 10.41
N VAL B 95 1.10 16.59 9.51
CA VAL B 95 2.19 17.03 8.68
C VAL B 95 1.96 16.70 7.23
N LYS B 96 2.17 17.71 6.37
CA LYS B 96 2.06 17.57 4.94
C LYS B 96 3.49 17.44 4.41
N ILE B 97 3.73 16.41 3.60
CA ILE B 97 5.10 16.07 3.16
C ILE B 97 5.20 16.07 1.66
N THR B 98 6.22 16.75 1.13
CA THR B 98 6.53 16.69 -0.31
C THR B 98 6.98 15.26 -0.67
N THR B 99 6.08 14.49 -1.27
CA THR B 99 6.45 13.17 -1.77
C THR B 99 7.35 13.27 -3.01
N LYS B 100 7.05 14.29 -3.84
CA LYS B 100 7.75 14.59 -5.07
C LYS B 100 7.44 16.05 -5.40
N HIS B 101 8.46 16.87 -5.60
CA HIS B 101 8.27 18.25 -6.02
C HIS B 101 8.41 18.37 -7.55
N HIS B 102 8.44 19.60 -8.08
CA HIS B 102 8.52 19.80 -9.51
C HIS B 102 9.76 19.09 -10.08
N GLU B 103 10.87 19.10 -9.34
CA GLU B 103 12.10 18.46 -9.77
C GLU B 103 11.94 16.97 -10.10
N GLY B 104 10.94 16.30 -9.50
CA GLY B 104 10.60 14.94 -9.80
C GLY B 104 11.29 13.84 -9.00
N PHE B 105 12.23 14.21 -8.12
CA PHE B 105 12.84 13.29 -7.17
C PHE B 105 11.82 12.83 -6.10
N CYS B 106 11.71 11.52 -5.94
CA CYS B 106 10.71 10.90 -5.08
C CYS B 106 11.29 10.50 -3.72
N LEU B 107 10.60 10.88 -2.66
CA LEU B 107 11.06 10.53 -1.31
C LEU B 107 10.66 9.12 -0.91
N TRP B 108 10.00 8.39 -1.82
CA TRP B 108 9.69 6.97 -1.67
C TRP B 108 10.27 6.21 -2.87
N PRO B 109 10.47 4.91 -2.69
CA PRO B 109 11.20 4.15 -3.74
C PRO B 109 10.24 3.76 -4.84
N SER B 110 9.87 4.73 -5.66
CA SER B 110 8.91 4.50 -6.77
C SER B 110 9.51 3.54 -7.78
N LYS B 111 8.68 2.66 -8.35
CA LYS B 111 9.14 1.76 -9.43
C LYS B 111 8.90 2.35 -10.81
N TYR B 112 8.43 3.58 -10.88
CA TYR B 112 8.08 4.20 -12.19
C TYR B 112 9.06 5.27 -12.63
N THR B 113 10.15 5.42 -11.88
CA THR B 113 11.20 6.31 -12.28
C THR B 113 12.38 5.88 -11.51
N LYS B 114 13.55 6.19 -12.04
CA LYS B 114 14.78 5.96 -11.29
C LYS B 114 15.18 7.11 -10.38
N TYR B 115 14.46 8.22 -10.43
CA TYR B 115 14.83 9.41 -9.63
C TYR B 115 14.16 9.32 -8.25
N THR B 116 14.73 8.47 -7.40
CA THR B 116 14.19 8.20 -6.09
C THR B 116 15.26 8.04 -5.04
N VAL B 117 14.82 8.15 -3.80
CA VAL B 117 15.66 7.88 -2.64
C VAL B 117 16.42 6.53 -2.69
N ALA B 118 15.85 5.55 -3.38
CA ALA B 118 16.47 4.24 -3.44
C ALA B 118 17.79 4.33 -4.18
N ASN B 119 17.89 5.22 -5.18
CA ASN B 119 19.11 5.35 -5.97
C ASN B 119 20.02 6.50 -5.49
N THR B 120 20.21 6.61 -4.18
CA THR B 120 21.07 7.61 -3.55
C THR B 120 21.89 6.82 -2.57
N PRO B 121 22.96 7.41 -2.08
CA PRO B 121 23.74 6.71 -1.05
C PRO B 121 22.94 6.37 0.20
N TYR B 122 21.91 7.16 0.52
CA TYR B 122 21.15 6.90 1.72
C TYR B 122 20.24 5.69 1.62
N LYS B 123 19.69 5.46 0.44
CA LYS B 123 18.94 4.25 0.06
C LYS B 123 17.54 4.14 0.66
N ARG B 124 17.39 4.58 1.90
CA ARG B 124 16.19 4.29 2.70
C ARG B 124 14.93 5.03 2.22
N ASP B 125 13.79 4.43 2.53
CA ASP B 125 12.47 4.96 2.20
C ASP B 125 12.13 6.05 3.23
N ILE B 126 12.61 7.26 2.99
CA ILE B 126 12.35 8.40 3.89
C ILE B 126 10.85 8.61 4.15
N LEU B 127 10.04 8.58 3.10
CA LEU B 127 8.60 8.81 3.25
C LEU B 127 7.97 7.78 4.21
N GLY B 128 8.32 6.50 4.01
CA GLY B 128 7.83 5.42 4.88
C GLY B 128 8.25 5.60 6.32
N GLU B 129 9.50 6.01 6.50
CA GLU B 129 9.98 6.25 7.87
C GLU B 129 9.23 7.39 8.56
N LEU B 130 8.99 8.46 7.86
CA LEU B 130 8.25 9.59 8.39
C LEU B 130 6.76 9.24 8.67
N VAL B 131 6.16 8.49 7.77
CA VAL B 131 4.75 8.08 7.99
C VAL B 131 4.61 7.33 9.32
N LYS B 132 5.50 6.36 9.51
CA LYS B 132 5.51 5.59 10.72
C LYS B 132 5.76 6.44 11.96
N ALA B 133 6.79 7.27 11.92
CA ALA B 133 7.19 8.08 13.07
C ALA B 133 6.13 9.10 13.48
N TYR B 134 5.54 9.74 12.51
CA TYR B 134 4.48 10.71 12.82
C TYR B 134 3.25 9.97 13.35
N ASN B 135 2.84 8.92 12.65
CA ASN B 135 1.67 8.12 13.11
C ASN B 135 1.90 7.61 14.53
N ASP B 136 3.10 7.20 14.87
CA ASP B 136 3.39 6.73 16.21
C ASP B 136 3.20 7.80 17.28
N GLU B 137 3.32 9.06 16.91
CA GLU B 137 3.09 10.16 17.85
C GLU B 137 1.65 10.62 17.81
N GLY B 138 0.81 9.96 17.04
CA GLY B 138 -0.60 10.34 16.93
C GLY B 138 -0.82 11.50 15.96
N ILE B 139 0.11 11.67 15.02
CA ILE B 139 0.06 12.76 14.03
C ILE B 139 -0.37 12.23 12.67
N ASP B 140 -1.39 12.84 12.06
CA ASP B 140 -1.81 12.47 10.72
C ASP B 140 -0.80 12.94 9.68
N VAL B 141 -0.71 12.20 8.56
CA VAL B 141 0.18 12.54 7.50
C VAL B 141 -0.60 12.77 6.22
N HIS B 142 -0.20 13.83 5.52
CA HIS B 142 -0.82 14.25 4.27
C HIS B 142 0.30 14.30 3.25
N PHE B 143 -0.02 14.03 1.99
CA PHE B 143 0.98 13.96 0.91
C PHE B 143 0.83 15.10 -0.11
N TYR B 144 1.85 15.93 -0.20
CA TYR B 144 1.99 16.89 -1.27
C TYR B 144 2.48 16.13 -2.49
N PHE B 145 1.94 16.43 -3.65
CA PHE B 145 2.34 15.80 -4.84
C PHE B 145 2.28 16.84 -5.97
N SER B 146 3.40 17.03 -6.66
CA SER B 146 3.44 17.88 -7.84
C SER B 146 3.13 17.09 -9.14
N VAL B 147 2.07 17.47 -9.83
CA VAL B 147 1.76 16.86 -11.13
C VAL B 147 2.85 17.24 -12.15
N MET B 148 3.08 18.53 -12.34
CA MET B 148 4.23 18.96 -13.11
C MET B 148 5.49 18.28 -12.64
N ASP B 149 6.24 17.76 -13.60
CA ASP B 149 7.42 16.97 -13.32
C ASP B 149 8.51 17.24 -14.33
N TRP B 150 9.55 17.93 -13.86
CA TRP B 150 10.68 18.38 -14.70
C TRP B 150 11.64 17.25 -15.09
N SER B 151 11.46 16.05 -14.50
CA SER B 151 12.37 14.94 -14.75
C SER B 151 11.85 14.00 -15.82
N ASN B 152 10.59 14.15 -16.21
CA ASN B 152 9.92 13.31 -17.16
C ASN B 152 9.69 14.04 -18.50
N PRO B 153 10.38 13.58 -19.55
CA PRO B 153 10.25 14.30 -20.84
C PRO B 153 8.87 14.17 -21.52
N ASP B 154 7.99 13.29 -21.04
CA ASP B 154 6.60 13.26 -21.51
C ASP B 154 5.73 14.36 -20.93
N TYR B 155 6.20 15.09 -19.93
CA TYR B 155 5.40 16.20 -19.45
C TYR B 155 5.26 17.24 -20.57
N ARG B 156 4.10 17.89 -20.64
CA ARG B 156 3.89 19.01 -21.56
C ARG B 156 3.21 20.15 -20.83
N TYR B 157 3.70 21.36 -21.09
CA TYR B 157 3.07 22.55 -20.53
C TYR B 157 1.80 22.95 -21.32
N ASP B 158 1.73 22.54 -22.59
CA ASP B 158 0.51 22.70 -23.40
C ASP B 158 0.43 21.60 -24.46
N ILE B 159 -0.77 21.39 -25.01
CA ILE B 159 -0.98 20.39 -26.06
C ILE B 159 -1.16 21.13 -27.42
N LYS B 160 -0.11 21.14 -28.24
CA LYS B 160 -0.15 21.88 -29.50
C LYS B 160 -0.02 20.95 -30.72
N SER B 161 0.02 19.63 -30.51
CA SER B 161 0.18 18.67 -31.59
C SER B 161 -0.36 17.28 -31.21
N LYS B 162 -0.35 16.36 -32.18
CA LYS B 162 -0.75 14.98 -31.93
C LYS B 162 0.36 14.32 -31.11
N GLU B 163 1.62 14.66 -31.41
CA GLU B 163 2.79 14.13 -30.69
C GLU B 163 2.75 14.54 -29.20
N ASP B 164 2.29 15.75 -28.91
CA ASP B 164 2.12 16.23 -27.53
C ASP B 164 1.00 15.48 -26.80
N SER B 165 -0.10 15.24 -27.50
CA SER B 165 -1.24 14.60 -26.88
C SER B 165 -0.91 13.16 -26.50
N ILE B 166 -0.11 12.50 -27.33
CA ILE B 166 0.29 11.12 -27.09
C ILE B 166 1.32 11.06 -25.91
N ALA B 167 2.29 11.96 -25.89
CA ALA B 167 3.27 12.03 -24.81
C ALA B 167 2.61 12.33 -23.45
N PHE B 168 1.70 13.28 -23.44
CA PHE B 168 1.01 13.67 -22.23
C PHE B 168 0.10 12.57 -21.69
N SER B 169 -0.50 11.77 -22.57
CA SER B 169 -1.27 10.62 -22.15
C SER B 169 -0.44 9.60 -21.40
N ARG B 170 0.76 9.35 -21.89
CA ARG B 170 1.69 8.49 -21.16
C ARG B 170 2.04 9.12 -19.79
N PHE B 171 2.24 10.43 -19.80
CA PHE B 171 2.56 11.18 -18.57
C PHE B 171 1.48 11.06 -17.48
N LEU B 172 0.23 11.16 -17.90
CA LEU B 172 -0.89 10.99 -17.02
C LEU B 172 -0.97 9.59 -16.46
N GLU B 173 -0.64 8.58 -17.25
CA GLU B 173 -0.66 7.23 -16.78
C GLU B 173 0.47 6.99 -15.75
N PHE B 174 1.66 7.47 -16.08
CA PHE B 174 2.83 7.51 -15.17
C PHE B 174 2.44 8.17 -13.82
N THR B 175 1.77 9.31 -13.91
CA THR B 175 1.24 10.02 -12.73
C THR B 175 0.29 9.13 -11.91
N ASP B 176 -0.70 8.51 -12.58
CA ASP B 176 -1.61 7.59 -11.90
C ASP B 176 -0.84 6.48 -11.19
N ASN B 177 0.17 5.94 -11.86
CA ASN B 177 0.93 4.85 -11.29
C ASN B 177 1.64 5.22 -9.99
N GLN B 178 2.28 6.37 -10.00
CA GLN B 178 2.90 6.92 -8.78
C GLN B 178 1.87 7.21 -7.68
N LEU B 179 0.71 7.77 -8.03
CA LEU B 179 -0.31 8.02 -7.02
C LEU B 179 -0.81 6.73 -6.36
N LYS B 180 -1.04 5.69 -7.18
CA LYS B 180 -1.47 4.37 -6.69
C LYS B 180 -0.43 3.73 -5.78
N GLU B 181 0.85 3.94 -6.08
CA GLU B 181 1.93 3.51 -5.18
C GLU B 181 1.77 4.14 -3.82
N LEU B 182 1.61 5.47 -3.85
CA LEU B 182 1.52 6.23 -2.63
C LEU B 182 0.33 5.83 -1.80
N ALA B 183 -0.81 5.65 -2.45
CA ALA B 183 -2.03 5.36 -1.74
C ALA B 183 -2.06 3.94 -1.16
N THR B 184 -1.34 3.00 -1.78
CA THR B 184 -1.36 1.60 -1.34
C THR B 184 -0.18 1.25 -0.46
N ARG B 185 0.98 1.82 -0.71
CA ARG B 185 2.11 1.64 0.17
C ARG B 185 1.92 2.28 1.51
N TYR B 186 1.22 3.40 1.55
CA TYR B 186 1.12 4.22 2.78
C TYR B 186 -0.37 4.47 3.02
N PRO B 187 -1.10 3.41 3.36
CA PRO B 187 -2.57 3.54 3.44
C PRO B 187 -3.10 4.42 4.60
N THR B 188 -2.28 4.79 5.56
CA THR B 188 -2.70 5.72 6.60
C THR B 188 -2.74 7.21 6.15
N VAL B 189 -2.38 7.50 4.90
CA VAL B 189 -2.38 8.85 4.37
C VAL B 189 -3.82 9.41 4.50
N LYS B 190 -3.94 10.64 5.03
CA LYS B 190 -5.26 11.27 5.19
C LYS B 190 -5.67 12.30 4.11
N ASP B 191 -4.73 12.67 3.24
CA ASP B 191 -4.91 13.78 2.31
C ASP B 191 -3.88 13.77 1.19
N PHE B 192 -4.31 14.16 0.00
CA PHE B 192 -3.41 14.44 -1.10
C PHE B 192 -3.60 15.91 -1.52
N TRP B 193 -2.47 16.64 -1.48
CA TRP B 193 -2.43 18.09 -1.71
C TRP B 193 -1.64 18.26 -2.97
N PHE B 194 -2.36 18.48 -4.06
CA PHE B 194 -1.74 18.58 -5.37
C PHE B 194 -1.27 19.97 -5.65
N ASP B 195 -0.18 20.02 -6.40
CA ASP B 195 0.43 21.26 -6.86
C ASP B 195 0.86 21.06 -8.31
N GLY B 196 1.20 22.15 -8.98
CA GLY B 196 1.73 22.05 -10.36
C GLY B 196 0.69 21.54 -11.33
N THR B 197 -0.53 22.04 -11.17
CA THR B 197 -1.67 21.64 -11.97
C THR B 197 -2.25 22.85 -12.73
N TRP B 198 -1.48 23.93 -12.83
CA TRP B 198 -1.93 25.19 -13.44
C TRP B 198 -1.68 25.27 -14.96
N ASP B 199 -0.84 24.38 -15.54
CA ASP B 199 -0.51 24.49 -16.95
C ASP B 199 -1.71 24.16 -17.83
N ALA B 200 -1.68 24.72 -19.05
CA ALA B 200 -2.79 24.55 -20.02
C ALA B 200 -3.08 23.08 -20.31
N SER B 201 -2.01 22.28 -20.38
CA SER B 201 -2.13 20.82 -20.57
C SER B 201 -3.08 20.16 -19.56
N VAL B 202 -3.01 20.60 -18.30
CA VAL B 202 -3.88 20.06 -17.27
C VAL B 202 -5.28 20.65 -17.32
N LYS B 203 -5.35 21.95 -17.60
CA LYS B 203 -6.62 22.66 -17.69
C LYS B 203 -7.47 22.07 -18.81
N LYS B 204 -6.81 21.64 -19.89
CA LYS B 204 -7.50 20.97 -21.00
C LYS B 204 -7.87 19.53 -20.70
N ASN B 205 -7.43 19.01 -19.55
CA ASN B 205 -7.69 17.64 -19.18
C ASN B 205 -8.29 17.61 -17.79
N GLY B 206 -9.32 18.43 -17.61
CA GLY B 206 -10.14 18.42 -16.42
C GLY B 206 -10.60 17.04 -16.00
N TRP B 207 -10.90 16.20 -16.99
CA TRP B 207 -11.43 14.84 -16.76
C TRP B 207 -10.45 14.06 -15.90
N TRP B 208 -9.16 14.30 -16.15
CA TRP B 208 -8.09 13.54 -15.48
C TRP B 208 -8.05 13.94 -14.01
N THR B 209 -8.26 15.23 -13.73
CA THR B 209 -8.32 15.76 -12.36
C THR B 209 -9.45 15.16 -11.56
N ALA B 210 -10.63 15.06 -12.18
CA ALA B 210 -11.76 14.38 -11.53
C ALA B 210 -11.49 12.90 -11.28
N HIS B 211 -10.89 12.25 -12.26
CA HIS B 211 -10.56 10.84 -12.17
C HIS B 211 -9.54 10.59 -11.05
N ALA B 212 -8.52 11.46 -10.96
CA ALA B 212 -7.50 11.33 -9.90
C ALA B 212 -8.17 11.40 -8.56
N GLU B 213 -9.09 12.34 -8.39
CA GLU B 213 -9.83 12.45 -7.11
C GLU B 213 -10.65 11.20 -6.81
N GLN B 214 -11.41 10.72 -7.78
CA GLN B 214 -12.25 9.51 -7.57
C GLN B 214 -11.38 8.29 -7.26
N MET B 215 -10.30 8.15 -8.04
CA MET B 215 -9.37 6.99 -7.92
C MET B 215 -8.84 6.92 -6.49
N LEU B 216 -8.39 8.06 -5.99
CA LEU B 216 -7.78 8.09 -4.65
C LEU B 216 -8.81 7.87 -3.56
N LYS B 217 -9.97 8.47 -3.70
CA LYS B 217 -11.04 8.20 -2.77
C LYS B 217 -11.49 6.72 -2.76
N GLU B 218 -11.42 6.05 -3.89
CA GLU B 218 -11.71 4.60 -3.89
C GLU B 218 -10.62 3.82 -3.13
N LEU B 219 -9.36 4.18 -3.32
CA LEU B 219 -8.23 3.48 -2.64
C LEU B 219 -8.08 3.75 -1.16
N VAL B 220 -8.43 4.97 -0.73
CA VAL B 220 -8.19 5.39 0.64
C VAL B 220 -9.51 5.97 1.18
N PRO B 221 -10.31 5.14 1.92
CA PRO B 221 -11.61 5.60 2.44
C PRO B 221 -11.47 6.87 3.29
N GLY B 222 -12.23 7.90 2.95
CA GLY B 222 -12.25 9.10 3.76
C GLY B 222 -11.12 10.11 3.45
N VAL B 223 -10.27 9.79 2.49
CA VAL B 223 -9.17 10.68 2.10
C VAL B 223 -9.72 12.05 1.67
N ALA B 224 -8.99 13.11 2.01
CA ALA B 224 -9.30 14.49 1.53
C ALA B 224 -8.43 14.80 0.33
N ILE B 225 -8.99 15.58 -0.58
CA ILE B 225 -8.31 15.99 -1.79
C ILE B 225 -8.47 17.54 -1.88
N ASN B 226 -7.38 18.25 -2.15
CA ASN B 226 -7.45 19.72 -2.26
C ASN B 226 -8.06 20.24 -3.55
N SER B 227 -8.57 21.47 -3.47
CA SER B 227 -9.16 22.15 -4.63
C SER B 227 -8.16 22.39 -5.74
N ARG B 228 -6.91 22.59 -5.40
CA ARG B 228 -5.92 22.94 -6.42
C ARG B 228 -5.75 21.87 -7.51
N LEU B 229 -6.00 20.62 -7.17
CA LEU B 229 -5.94 19.57 -8.14
C LEU B 229 -6.89 19.89 -9.32
N ARG B 230 -8.07 20.43 -8.98
CA ARG B 230 -9.26 20.23 -9.82
C ARG B 230 -9.51 21.33 -10.85
N ALA B 231 -9.78 20.89 -12.08
CA ALA B 231 -10.21 21.73 -13.21
C ALA B 231 -11.44 21.08 -13.83
N ASP B 232 -12.42 21.88 -14.24
CA ASP B 232 -13.67 21.35 -14.79
C ASP B 232 -13.60 21.20 -16.31
N ASP B 233 -14.74 20.84 -16.93
CA ASP B 233 -14.84 20.66 -18.40
C ASP B 233 -14.31 21.86 -19.19
N LYS B 234 -14.47 23.06 -18.64
CA LYS B 234 -14.05 24.30 -19.29
C LYS B 234 -12.66 24.75 -18.88
N GLY B 235 -11.97 24.01 -17.99
CA GLY B 235 -10.64 24.42 -17.54
C GLY B 235 -10.65 25.43 -16.40
N LYS B 236 -11.82 25.71 -15.82
CA LYS B 236 -11.91 26.55 -14.63
C LYS B 236 -11.36 25.73 -13.42
N ARG B 237 -10.49 26.35 -12.62
CA ARG B 237 -9.80 25.69 -11.52
C ARG B 237 -10.32 26.05 -10.16
N HIS B 238 -10.16 25.12 -9.20
CA HIS B 238 -10.60 25.28 -7.79
C HIS B 238 -12.09 25.28 -7.63
N PHE B 239 -12.74 26.27 -8.24
CA PHE B 239 -14.19 26.39 -8.22
C PHE B 239 -14.62 26.19 -9.68
N ASP B 240 -15.67 25.40 -9.89
CA ASP B 240 -16.06 25.07 -11.28
C ASP B 240 -16.79 26.27 -11.97
N SER B 241 -17.27 26.04 -13.18
CA SER B 241 -17.96 27.07 -13.98
C SER B 241 -19.29 27.55 -13.37
N ASN B 242 -19.85 26.77 -12.45
CA ASN B 242 -21.00 27.20 -11.66
C ASN B 242 -20.64 27.75 -10.27
N GLY B 243 -19.37 28.10 -10.06
CA GLY B 243 -18.95 28.67 -8.79
C GLY B 243 -18.89 27.70 -7.62
N ARG B 244 -18.97 26.39 -7.89
CA ARG B 244 -18.94 25.38 -6.82
C ARG B 244 -17.52 24.86 -6.60
N LEU B 245 -17.17 24.75 -5.32
CA LEU B 245 -15.86 24.25 -4.91
C LEU B 245 -15.67 22.77 -5.31
N MET B 246 -14.61 22.50 -6.05
CA MET B 246 -14.20 21.12 -6.39
C MET B 246 -13.17 20.62 -5.33
N GLY B 247 -13.02 19.31 -5.18
CA GLY B 247 -12.26 18.79 -4.02
C GLY B 247 -13.02 19.02 -2.71
N ASP B 248 -12.35 18.77 -1.61
CA ASP B 248 -12.98 18.71 -0.30
C ASP B 248 -12.73 19.98 0.54
N TYR B 249 -11.76 20.77 0.13
CA TYR B 249 -11.45 22.03 0.84
C TYR B 249 -10.71 22.94 -0.11
N GLU B 250 -10.83 24.23 0.14
CA GLU B 250 -10.17 25.23 -0.66
C GLU B 250 -8.73 25.41 -0.20
N SER B 251 -7.79 25.31 -1.13
CA SER B 251 -6.36 25.41 -0.83
C SER B 251 -5.87 26.57 -1.69
N GLY B 252 -5.86 27.74 -1.15
CA GLY B 252 -5.56 28.88 -2.01
C GLY B 252 -4.71 29.88 -1.31
N TYR B 253 -4.96 30.07 -0.03
CA TYR B 253 -4.37 31.20 0.66
C TYR B 253 -2.95 30.74 1.00
N GLU B 254 -1.94 31.52 0.60
CA GLU B 254 -0.51 31.29 0.95
C GLU B 254 0.18 32.54 1.48
N ARG B 255 0.03 33.68 0.83
CA ARG B 255 0.63 34.92 1.33
C ARG B 255 -0.38 35.69 2.18
N ARG B 256 -1.67 35.70 1.78
CA ARG B 256 -2.68 36.46 2.49
C ARG B 256 -3.71 35.45 3.02
N LEU B 257 -4.38 35.86 4.06
CA LEU B 257 -5.48 35.13 4.63
C LEU B 257 -6.73 35.92 4.29
N PRO B 258 -7.87 35.27 4.32
CA PRO B 258 -9.10 36.01 4.04
C PRO B 258 -9.27 37.15 5.02
N ASP B 259 -9.84 38.22 4.53
CA ASP B 259 -10.11 39.40 5.37
C ASP B 259 -11.20 39.07 6.41
N PRO B 260 -10.94 39.34 7.68
CA PRO B 260 -11.94 38.95 8.65
C PRO B 260 -13.27 39.69 8.64
N VAL B 261 -13.34 40.79 7.89
CA VAL B 261 -14.59 41.54 7.78
C VAL B 261 -15.23 41.25 6.45
N LYS B 262 -14.44 41.29 5.39
CA LYS B 262 -15.00 41.20 4.04
C LYS B 262 -15.06 39.81 3.41
N ASP B 263 -14.33 38.83 3.93
CA ASP B 263 -14.30 37.50 3.27
C ASP B 263 -14.99 36.40 4.07
N LEU B 264 -16.12 36.70 4.73
CA LEU B 264 -16.83 35.73 5.56
C LEU B 264 -17.42 34.59 4.74
N LYS B 265 -17.46 34.73 3.43
CA LYS B 265 -17.88 33.66 2.55
C LYS B 265 -17.07 32.37 2.81
N VAL B 266 -15.80 32.47 3.21
CA VAL B 266 -14.97 31.25 3.42
C VAL B 266 -15.49 30.34 4.55
N THR B 267 -16.31 30.88 5.43
CA THR B 267 -16.84 30.10 6.52
C THR B 267 -17.85 29.05 6.00
N GLN B 268 -18.20 29.12 4.72
CA GLN B 268 -19.16 28.22 4.12
C GLN B 268 -18.52 26.93 3.59
N TRP B 269 -17.19 26.85 3.53
CA TRP B 269 -16.54 25.62 3.10
C TRP B 269 -15.29 25.38 3.93
N ASP B 270 -14.79 24.16 3.91
CA ASP B 270 -13.51 23.89 4.55
C ASP B 270 -12.41 24.52 3.71
N TRP B 271 -11.37 24.96 4.38
CA TRP B 271 -10.21 25.53 3.71
C TRP B 271 -8.98 25.40 4.58
N GLU B 272 -7.83 25.47 3.91
CA GLU B 272 -6.54 25.31 4.52
C GLU B 272 -5.53 26.29 3.91
N ALA B 273 -4.92 27.09 4.76
CA ALA B 273 -3.87 28.00 4.36
C ALA B 273 -2.51 27.37 4.69
N CYS B 274 -1.53 27.62 3.84
CA CYS B 274 -0.16 27.14 4.07
CA CYS B 274 -0.16 27.17 4.11
C CYS B 274 0.79 28.35 3.99
N MET B 275 1.78 28.41 4.86
CA MET B 275 2.59 29.62 4.94
CA MET B 275 2.58 29.64 5.11
C MET B 275 4.05 29.28 5.12
N THR B 276 4.89 30.15 4.54
CA THR B 276 6.32 30.10 4.72
C THR B 276 6.74 31.06 5.85
N ILE B 277 7.92 30.80 6.40
CA ILE B 277 8.43 31.61 7.45
C ILE B 277 9.07 32.88 6.84
N PRO B 278 10.01 32.74 5.90
CA PRO B 278 10.40 33.89 5.08
C PRO B 278 9.28 34.24 4.13
N GLU B 279 9.48 35.28 3.32
CA GLU B 279 8.40 35.71 2.46
CA GLU B 279 8.45 35.74 2.41
C GLU B 279 8.08 34.66 1.41
N ASN B 280 9.11 34.01 0.83
CA ASN B 280 8.84 33.07 -0.24
C ASN B 280 9.97 32.04 -0.42
N GLN B 281 10.18 31.24 0.61
CA GLN B 281 11.13 30.14 0.60
C GLN B 281 10.36 28.95 1.18
N TRP B 282 10.24 27.90 0.39
CA TRP B 282 9.63 26.64 0.87
C TRP B 282 10.72 25.57 1.14
N GLY B 283 11.53 25.24 0.14
CA GLY B 283 12.74 24.44 0.35
C GLY B 283 13.81 25.20 1.11
N TYR B 284 14.79 24.47 1.64
CA TYR B 284 15.94 25.03 2.34
C TYR B 284 16.72 26.04 1.49
N HIS B 285 16.79 27.29 1.97
CA HIS B 285 17.64 28.34 1.37
C HIS B 285 18.66 28.74 2.42
N LYS B 286 19.95 28.76 2.06
CA LYS B 286 21.00 29.03 3.04
C LYS B 286 21.01 30.47 3.55
N ASP B 287 20.36 31.39 2.86
CA ASP B 287 20.44 32.80 3.26
C ASP B 287 19.07 33.43 3.49
N TRP B 288 18.64 33.40 4.74
CA TRP B 288 17.33 34.00 5.12
C TRP B 288 17.36 35.52 5.27
N SER B 289 18.52 36.16 5.11
CA SER B 289 18.62 37.64 5.23
C SER B 289 18.06 38.29 4.01
N LEU B 290 17.77 37.52 2.98
CA LEU B 290 17.31 38.11 1.74
C LEU B 290 15.88 38.61 1.71
N SER B 291 15.03 38.24 2.67
CA SER B 291 13.66 38.70 2.70
C SER B 291 13.17 38.75 4.13
N TYR B 292 11.98 39.29 4.32
CA TYR B 292 11.43 39.41 5.65
C TYR B 292 11.12 38.00 6.20
N VAL B 293 11.55 37.77 7.42
CA VAL B 293 11.28 36.54 8.14
C VAL B 293 10.27 36.82 9.31
N LYS B 294 9.17 36.11 9.30
CA LYS B 294 8.14 36.24 10.33
C LYS B 294 8.64 35.79 11.72
N THR B 295 8.23 36.53 12.74
CA THR B 295 8.48 36.17 14.11
C THR B 295 7.45 35.13 14.59
N PRO B 296 7.73 34.43 15.69
CA PRO B 296 6.75 33.48 16.21
C PRO B 296 5.40 34.09 16.47
N ILE B 297 5.34 35.32 17.06
CA ILE B 297 4.01 35.91 17.30
C ILE B 297 3.31 36.15 15.99
N GLU B 298 4.05 36.59 14.97
CA GLU B 298 3.38 36.83 13.67
C GLU B 298 2.80 35.53 13.10
N VAL B 299 3.46 34.42 13.34
CA VAL B 299 2.95 33.12 12.84
C VAL B 299 1.74 32.69 13.67
N ILE B 300 1.83 32.81 14.99
CA ILE B 300 0.71 32.49 15.87
C ILE B 300 -0.56 33.30 15.50
N ASP B 301 -0.35 34.56 15.16
CA ASP B 301 -1.44 35.43 14.71
C ASP B 301 -2.13 34.84 13.51
N ARG B 302 -1.35 34.38 12.53
CA ARG B 302 -1.91 33.78 11.34
CA ARG B 302 -1.87 33.79 11.31
C ARG B 302 -2.61 32.45 11.62
N ILE B 303 -2.08 31.66 12.54
CA ILE B 303 -2.73 30.40 12.93
C ILE B 303 -4.14 30.70 13.53
N VAL B 304 -4.19 31.59 14.52
CA VAL B 304 -5.49 31.90 15.15
C VAL B 304 -6.45 32.53 14.14
N HIS B 305 -5.94 33.41 13.30
CA HIS B 305 -6.74 34.08 12.25
C HIS B 305 -7.43 33.04 11.42
N ALA B 306 -6.70 32.07 10.90
CA ALA B 306 -7.30 31.02 10.10
C ALA B 306 -8.42 30.27 10.84
N VAL B 307 -8.17 29.83 12.07
CA VAL B 307 -9.18 29.08 12.82
C VAL B 307 -10.42 29.95 13.07
N SER B 308 -10.19 31.25 13.35
CA SER B 308 -11.28 32.19 13.64
C SER B 308 -12.19 32.31 12.45
N MET B 309 -11.68 31.96 11.28
CA MET B 309 -12.50 32.01 10.06
C MET B 309 -12.77 30.62 9.43
N GLY B 310 -12.71 29.61 10.26
CA GLY B 310 -13.13 28.27 9.88
C GLY B 310 -12.14 27.48 9.06
N GLY B 311 -10.87 27.87 9.15
CA GLY B 311 -9.81 27.29 8.33
C GLY B 311 -8.64 26.76 9.11
N ASN B 312 -7.90 25.87 8.44
CA ASN B 312 -6.70 25.25 8.97
C ASN B 312 -5.52 26.14 8.58
N MET B 313 -4.43 26.05 9.34
CA MET B 313 -3.14 26.70 9.00
C MET B 313 -1.99 25.69 9.09
N VAL B 314 -1.12 25.72 8.10
CA VAL B 314 0.04 24.84 7.99
C VAL B 314 1.34 25.70 7.89
N VAL B 315 2.25 25.51 8.85
CA VAL B 315 3.50 26.23 8.92
C VAL B 315 4.61 25.40 8.22
N ASN B 316 5.25 25.98 7.20
CA ASN B 316 6.28 25.29 6.45
C ASN B 316 7.66 25.25 7.10
N PHE B 317 8.34 24.11 6.87
CA PHE B 317 9.70 23.84 7.25
C PHE B 317 10.45 23.26 6.04
N GLY B 318 11.69 23.75 5.79
CA GLY B 318 12.56 23.28 4.70
C GLY B 318 13.83 22.69 5.33
N PRO B 319 13.79 21.39 5.62
CA PRO B 319 14.92 20.76 6.29
C PRO B 319 16.24 20.87 5.51
N GLN B 320 17.32 20.91 6.26
CA GLN B 320 18.67 20.95 5.71
C GLN B 320 18.97 19.66 4.96
N ALA B 321 19.96 19.71 4.10
CA ALA B 321 20.42 18.52 3.35
C ALA B 321 20.85 17.39 4.25
N ASP B 322 21.42 17.71 5.41
CA ASP B 322 21.86 16.67 6.32
C ASP B 322 20.76 15.97 7.15
N GLY B 323 19.53 16.45 7.05
CA GLY B 323 18.42 15.81 7.69
C GLY B 323 18.09 16.40 9.02
N ASP B 324 18.74 17.51 9.41
CA ASP B 324 18.40 18.25 10.63
C ASP B 324 17.66 19.55 10.19
N PHE B 325 17.10 20.26 11.16
CA PHE B 325 16.46 21.56 10.96
C PHE B 325 17.39 22.73 11.38
N ARG B 326 17.35 23.78 10.59
CA ARG B 326 18.04 25.00 10.91
C ARG B 326 17.56 25.61 12.23
N PRO B 327 18.44 26.39 12.88
CA PRO B 327 18.13 26.97 14.18
C PRO B 327 16.86 27.82 14.24
N GLU B 328 16.58 28.56 13.16
CA GLU B 328 15.42 29.47 13.13
C GLU B 328 14.12 28.64 13.16
N GLU B 329 14.12 27.49 12.50
CA GLU B 329 12.98 26.59 12.48
C GLU B 329 12.80 25.85 13.78
N LYS B 330 13.91 25.45 14.44
CA LYS B 330 13.76 24.90 15.78
C LYS B 330 13.18 25.92 16.78
N ALA B 331 13.64 27.18 16.72
CA ALA B 331 13.13 28.26 17.58
C ALA B 331 11.63 28.47 17.33
N MET B 332 11.24 28.50 16.06
CA MET B 332 9.85 28.72 15.73
C MET B 332 8.95 27.60 16.26
N ALA B 333 9.36 26.36 16.07
CA ALA B 333 8.60 25.22 16.53
C ALA B 333 8.48 25.21 18.05
N THR B 334 9.55 25.56 18.71
CA THR B 334 9.56 25.60 20.18
C THR B 334 8.65 26.72 20.73
N ALA B 335 8.70 27.89 20.11
CA ALA B 335 7.87 29.03 20.51
C ALA B 335 6.38 28.73 20.30
N ILE B 336 6.05 28.18 19.15
CA ILE B 336 4.68 27.81 18.84
C ILE B 336 4.18 26.76 19.80
N GLY B 337 5.01 25.75 20.06
CA GLY B 337 4.65 24.69 21.00
C GLY B 337 4.37 25.16 22.39
N LYS B 338 5.17 26.11 22.87
CA LYS B 338 4.93 26.65 24.19
C LYS B 338 3.59 27.36 24.24
N TRP B 339 3.30 28.13 23.20
CA TRP B 339 2.03 28.88 23.12
C TRP B 339 0.81 27.92 23.01
N MET B 340 0.93 26.93 22.13
CA MET B 340 -0.13 25.95 21.92
C MET B 340 -0.38 25.14 23.20
N ASN B 341 0.65 24.83 23.96
CA ASN B 341 0.44 24.09 25.20
C ASN B 341 -0.40 24.92 26.18
N ARG B 342 -0.22 26.23 26.19
CA ARG B 342 -0.95 27.10 27.06
C ARG B 342 -2.33 27.43 26.59
N TYR B 343 -2.44 27.69 25.27
CA TYR B 343 -3.61 28.32 24.70
C TYR B 343 -4.33 27.48 23.69
N GLY B 344 -3.86 26.25 23.46
CA GLY B 344 -4.41 25.48 22.36
C GLY B 344 -5.88 25.04 22.49
N LYS B 345 -6.49 25.12 23.67
CA LYS B 345 -7.96 24.85 23.76
C LYS B 345 -8.71 25.79 22.85
N ALA B 346 -8.14 26.96 22.50
CA ALA B 346 -8.81 27.94 21.63
C ALA B 346 -8.54 27.72 20.18
N VAL B 347 -7.73 26.71 19.86
CA VAL B 347 -7.37 26.44 18.49
C VAL B 347 -7.91 25.07 18.03
N TYR B 348 -7.48 24.01 18.70
CA TYR B 348 -7.85 22.64 18.28
C TYR B 348 -9.37 22.46 18.39
N ALA B 349 -9.96 21.91 17.35
CA ALA B 349 -11.38 21.60 17.31
C ALA B 349 -12.24 22.87 17.42
N CYS B 350 -11.68 24.03 17.03
CA CYS B 350 -12.42 25.28 17.11
C CYS B 350 -12.82 25.75 15.71
N ASP B 351 -13.64 26.79 15.68
CA ASP B 351 -14.21 27.26 14.43
C ASP B 351 -14.67 28.71 14.57
N TYR B 352 -15.23 29.20 13.50
CA TYR B 352 -15.80 30.54 13.42
C TYR B 352 -16.88 30.73 14.45
N ALA B 353 -16.84 31.86 15.16
CA ALA B 353 -17.77 32.11 16.26
C ALA B 353 -19.06 32.90 15.92
N GLY B 354 -19.08 33.56 14.79
CA GLY B 354 -20.25 34.32 14.37
C GLY B 354 -20.37 35.67 15.07
N PHE B 355 -19.28 36.17 15.66
CA PHE B 355 -19.29 37.49 16.33
C PHE B 355 -18.65 38.55 15.39
N GLU B 356 -19.07 39.79 15.57
CA GLU B 356 -18.41 40.89 14.88
C GLU B 356 -16.90 41.03 15.31
N LYS B 357 -16.03 41.20 14.33
CA LYS B 357 -14.59 41.30 14.52
C LYS B 357 -14.28 42.55 15.31
N GLN B 358 -13.45 42.41 16.34
CA GLN B 358 -12.95 43.50 17.14
C GLN B 358 -11.41 43.62 17.02
N ASP B 359 -10.89 44.78 17.40
CA ASP B 359 -9.51 45.14 17.12
C ASP B 359 -8.46 44.48 17.99
N TRP B 360 -8.87 43.97 19.16
CA TRP B 360 -7.97 43.33 20.08
C TRP B 360 -7.49 41.95 19.61
N GLY B 361 -8.10 41.38 18.60
CA GLY B 361 -7.78 40.03 18.19
C GLY B 361 -8.92 39.26 17.60
N TYR B 362 -8.96 37.96 17.90
CA TYR B 362 -9.89 37.06 17.23
C TYR B 362 -10.77 36.29 18.24
N TYR B 363 -11.98 35.97 17.83
CA TYR B 363 -12.77 34.99 18.56
C TYR B 363 -12.63 33.60 17.88
N THR B 364 -12.69 32.56 18.70
CA THR B 364 -12.92 31.22 18.21
C THR B 364 -13.98 30.57 19.07
N ARG B 365 -14.67 29.61 18.45
CA ARG B 365 -15.72 28.86 19.15
C ARG B 365 -15.35 27.39 19.33
N GLY B 366 -15.52 26.87 20.55
CA GLY B 366 -15.28 25.46 20.83
C GLY B 366 -16.50 24.57 20.53
N LYS B 367 -16.39 23.28 20.84
CA LYS B 367 -17.44 22.33 20.42
C LYS B 367 -18.68 22.44 21.30
N ASN B 368 -18.52 22.95 22.51
CA ASN B 368 -19.62 23.10 23.45
C ASN B 368 -19.96 24.55 23.77
N ASP B 369 -20.03 25.35 22.71
CA ASP B 369 -20.37 26.78 22.79
C ASP B 369 -19.43 27.64 23.66
N GLU B 370 -18.23 27.18 23.91
CA GLU B 370 -17.21 28.07 24.47
C GLU B 370 -16.92 29.13 23.42
N VAL B 371 -16.79 30.38 23.85
CA VAL B 371 -16.31 31.44 22.96
C VAL B 371 -14.99 31.96 23.55
N TYR B 372 -13.95 31.87 22.76
CA TYR B 372 -12.61 32.24 23.23
C TYR B 372 -12.25 33.62 22.63
N MET B 373 -11.73 34.49 23.45
CA MET B 373 -11.14 35.76 23.00
C MET B 373 -9.63 35.61 22.96
N VAL B 374 -9.05 35.73 21.76
CA VAL B 374 -7.61 35.59 21.61
C VAL B 374 -7.05 36.97 21.29
N VAL B 375 -6.39 37.50 22.28
CA VAL B 375 -6.00 38.91 22.31
C VAL B 375 -4.54 39.08 21.84
N PHE B 376 -4.38 39.73 20.67
CA PHE B 376 -3.09 40.10 20.10
C PHE B 376 -2.68 41.56 20.27
N ASN B 377 -3.66 42.44 20.48
CA ASN B 377 -3.44 43.90 20.55
C ASN B 377 -4.10 44.40 21.82
N GLN B 378 -3.28 44.74 22.79
CA GLN B 378 -3.69 45.07 24.13
C GLN B 378 -4.16 46.54 24.21
N PRO B 379 -5.45 46.78 24.49
CA PRO B 379 -5.95 48.17 24.56
C PRO B 379 -5.41 48.96 25.71
N TYR B 380 -4.90 50.16 25.43
CA TYR B 380 -4.57 51.08 26.51
C TYR B 380 -5.80 51.39 27.40
N SER B 381 -7.02 51.30 26.85
CA SER B 381 -8.22 51.49 27.67
C SER B 381 -8.41 50.44 28.79
N GLU B 382 -7.65 49.32 28.70
CA GLU B 382 -7.74 48.16 29.60
C GLU B 382 -9.07 47.46 29.53
N ARG B 383 -9.80 47.69 28.46
CA ARG B 383 -11.12 47.14 28.24
C ARG B 383 -11.16 46.52 26.85
N LEU B 384 -11.68 45.30 26.76
CA LEU B 384 -11.85 44.58 25.51
C LEU B 384 -13.31 44.58 25.12
N ILE B 385 -13.63 45.21 24.00
CA ILE B 385 -15.00 45.36 23.58
C ILE B 385 -15.52 44.05 23.01
N VAL B 386 -16.70 43.65 23.48
CA VAL B 386 -17.39 42.47 22.95
C VAL B 386 -18.82 42.87 22.62
N LYS B 387 -19.11 42.86 21.34
CA LYS B 387 -20.43 43.00 20.79
C LYS B 387 -20.98 41.64 20.41
N THR B 388 -22.07 41.27 21.09
CA THR B 388 -22.69 39.96 20.93
C THR B 388 -23.76 39.97 19.87
N PRO B 389 -23.93 38.82 19.13
CA PRO B 389 -25.08 38.72 18.21
C PRO B 389 -26.44 38.83 18.93
N LYS B 390 -27.52 39.15 18.19
CA LYS B 390 -28.87 39.27 18.80
C LYS B 390 -29.15 38.03 19.60
N GLY B 391 -29.58 38.20 20.84
CA GLY B 391 -30.01 37.09 21.69
C GLY B 391 -28.92 36.40 22.48
N ILE B 392 -27.66 36.82 22.31
CA ILE B 392 -26.56 36.18 23.04
C ILE B 392 -26.11 37.09 24.16
N THR B 393 -25.94 36.53 25.36
CA THR B 393 -25.40 37.28 26.47
C THR B 393 -24.13 36.61 27.05
N VAL B 394 -23.27 37.41 27.66
CA VAL B 394 -22.07 36.93 28.23
C VAL B 394 -22.31 36.78 29.70
N GLU B 395 -22.10 35.58 30.22
CA GLU B 395 -22.37 35.29 31.63
C GLU B 395 -21.15 35.31 32.49
N LYS B 396 -20.01 34.99 31.90
CA LYS B 396 -18.77 34.92 32.68
C LYS B 396 -17.57 35.04 31.73
N ALA B 397 -16.48 35.55 32.27
CA ALA B 397 -15.18 35.58 31.57
C ALA B 397 -14.13 35.02 32.49
N THR B 398 -13.22 34.22 31.92
CA THR B 398 -12.21 33.55 32.69
C THR B 398 -10.89 33.59 31.95
N LEU B 399 -9.80 33.91 32.64
CA LEU B 399 -8.50 33.81 32.04
C LEU B 399 -8.15 32.32 31.88
N LEU B 400 -7.96 31.89 30.64
CA LEU B 400 -7.72 30.46 30.34
C LEU B 400 -6.65 29.83 31.19
N THR B 401 -5.50 30.48 31.30
CA THR B 401 -4.39 29.86 31.97
C THR B 401 -4.56 29.65 33.46
N THR B 402 -5.14 30.62 34.16
CA THR B 402 -5.17 30.60 35.61
C THR B 402 -6.53 30.27 36.17
N GLY B 403 -7.58 30.30 35.36
CA GLY B 403 -8.95 30.17 35.85
C GLY B 403 -9.50 31.41 36.55
N GLU B 404 -8.74 32.48 36.61
CA GLU B 404 -9.17 33.65 37.36
C GLU B 404 -10.38 34.32 36.69
N ASP B 405 -11.26 34.87 37.50
CA ASP B 405 -12.47 35.47 36.97
C ASP B 405 -12.12 36.88 36.45
N ILE B 406 -12.71 37.24 35.33
CA ILE B 406 -12.42 38.52 34.67
C ILE B 406 -13.73 39.29 34.63
N THR B 407 -13.68 40.55 35.04
CA THR B 407 -14.92 41.33 35.11
C THR B 407 -15.47 41.57 33.73
N VAL B 408 -16.78 41.44 33.62
CA VAL B 408 -17.53 41.77 32.41
C VAL B 408 -18.51 42.88 32.78
N VAL B 409 -18.52 44.00 32.06
CA VAL B 409 -19.42 45.13 32.33
C VAL B 409 -20.26 45.37 31.10
N GLU B 410 -21.58 45.42 31.26
CA GLU B 410 -22.43 45.76 30.16
C GLU B 410 -22.30 47.28 29.86
N THR B 411 -22.17 47.66 28.59
CA THR B 411 -21.99 49.05 28.23
C THR B 411 -23.19 49.56 27.46
N THR B 412 -23.75 48.72 26.60
CA THR B 412 -24.95 49.03 25.83
C THR B 412 -25.78 47.73 25.68
N ARG B 413 -26.92 47.85 24.97
CA ARG B 413 -27.84 46.75 24.67
C ARG B 413 -27.09 45.52 24.15
N ASN B 414 -26.14 45.67 23.23
CA ASN B 414 -25.49 44.44 22.73
C ASN B 414 -23.96 44.42 22.91
N GLU B 415 -23.47 45.11 23.94
CA GLU B 415 -22.01 45.30 24.14
C GLU B 415 -21.60 45.20 25.55
N TYR B 416 -20.40 44.66 25.71
CA TYR B 416 -19.71 44.62 27.00
C TYR B 416 -18.27 45.10 26.87
N ASN B 417 -17.72 45.49 28.00
CA ASN B 417 -16.30 45.65 28.17
C ASN B 417 -15.83 44.49 29.04
N VAL B 418 -14.98 43.66 28.48
CA VAL B 418 -14.32 42.59 29.24
C VAL B 418 -12.98 43.16 29.68
N SER B 419 -12.73 43.16 30.97
CA SER B 419 -11.52 43.73 31.50
CA SER B 419 -11.50 43.71 31.49
C SER B 419 -10.29 42.88 31.07
N VAL B 420 -9.14 43.53 30.89
CA VAL B 420 -7.89 42.85 30.68
C VAL B 420 -7.52 42.26 32.06
N PRO B 421 -6.66 41.23 32.09
CA PRO B 421 -6.24 40.65 33.36
C PRO B 421 -5.48 41.67 34.20
N LYS B 422 -5.46 41.48 35.51
CA LYS B 422 -4.80 42.44 36.41
C LYS B 422 -3.30 42.43 36.15
N LYS B 423 -2.76 41.26 35.83
CA LYS B 423 -1.35 41.15 35.44
C LYS B 423 -1.33 40.94 33.93
N ASN B 424 -0.58 41.78 33.23
CA ASN B 424 -0.49 41.70 31.79
C ASN B 424 0.20 40.35 31.46
N PRO B 425 -0.45 39.47 30.72
CA PRO B 425 0.19 38.22 30.38
C PRO B 425 1.50 38.31 29.58
N GLY B 426 1.76 39.40 28.88
CA GLY B 426 3.07 39.63 28.22
C GLY B 426 3.22 38.88 26.90
N GLU B 427 2.13 38.32 26.37
CA GLU B 427 2.12 37.55 25.15
C GLU B 427 0.65 37.47 24.73
N PRO B 428 0.38 37.08 23.48
CA PRO B 428 -1.03 36.92 23.16
C PRO B 428 -1.68 35.87 24.05
N TYR B 429 -2.92 36.12 24.47
CA TYR B 429 -3.49 35.39 25.57
C TYR B 429 -4.97 35.10 25.33
N VAL B 430 -5.56 34.22 26.14
CA VAL B 430 -6.95 33.81 25.92
C VAL B 430 -7.83 34.07 27.12
N ILE B 431 -8.99 34.66 26.83
CA ILE B 431 -10.06 34.79 27.81
C ILE B 431 -11.22 33.94 27.31
N GLN B 432 -11.70 33.04 28.15
CA GLN B 432 -12.81 32.19 27.75
C GLN B 432 -14.12 32.81 28.23
N LEU B 433 -15.06 32.93 27.34
CA LEU B 433 -16.39 33.43 27.67
C LEU B 433 -17.40 32.27 27.78
N LYS B 434 -18.26 32.37 28.81
CA LYS B 434 -19.49 31.55 28.92
C LYS B 434 -20.61 32.40 28.44
N VAL B 435 -21.25 31.99 27.35
CA VAL B 435 -22.33 32.73 26.74
C VAL B 435 -23.65 31.93 26.82
N ARG B 436 -24.77 32.63 26.66
CA ARG B 436 -26.12 32.02 26.72
C ARG B 436 -26.95 32.61 25.59
N ALA B 437 -27.74 31.76 24.95
CA ALA B 437 -28.60 32.15 23.83
C ALA B 437 -30.03 32.17 24.34
N ALA B 438 -30.74 33.27 24.09
CA ALA B 438 -32.15 33.41 24.56
C ALA B 438 -33.07 32.29 24.07
#